data_7DTC
#
_entry.id   7DTC
#
_cell.length_a   1.00
_cell.length_b   1.00
_cell.length_c   1.00
_cell.angle_alpha   90.00
_cell.angle_beta   90.00
_cell.angle_gamma   90.00
#
_symmetry.space_group_name_H-M   'P 1'
#
loop_
_entity.id
_entity.type
_entity.pdbx_description
1 polymer 'Sodium channel protein type 5 subunit alpha'
2 non-polymer 2-acetamido-2-deoxy-beta-D-glucopyranose
#
_entity_poly.entity_id   1
_entity_poly.type   'polypeptide(L)'
_entity_poly.pdbx_seq_one_letter_code
;MASWSHPQFEKGGGARGGSGGGSWSHPQFEKGFDYKDDDDKGTMANFLLPRGTSSFRRFTRESLAAIEKRMAEKQARGST
TLQESREGLPEEEAPRPQLDLQASKKLPDLYGNPPQELIGEPLEDLDPFYSTQKTFIVLNKGKTIFRFSATNALYVLSPF
HPIRRAAVKILVHSLFNMLIMCTILTNCVFMAQHDPPPWTKYVEYTFTAIYTFESLVKILARGFCLHAFTFLRDPWNWLD
FSVIIMAYTTEFVDLGNVSALRTFRVLRALKTISVISGLKTIVGALIQSVKKLADVMVLTVFCLSVFALIGLQLFMGNLR
HKCVRNFTALNGTNGSVEADGLVWESLDLYLSDPENYLLKNGTSDVLLCGNSSDAGTCPEGYRCLKAGENPDHGYTSFDS
FAWAFLALFRLMTQDCWERLYQQTLRSAGKIYMIFFMLVIFLGSFYLVNLILAVVAMAYEEQNQATIAETEEKEKRFQEA
MEMLKKEHEALTIRGVDTVSRSSLEMSPLAPVNSHERRSKRRKRMSSGTEECGEDRLPKSDSEDGPRAMNHLSLTRGLSR
TSMKPRSSRGSIFTFRRRDLGSEADFADDENSTAGESESHHTSLLVPWPLRRTSAQGQPSPGTSAPGHALHGKKNSTVDC
NGVVSLLGAGDPEATSPGSHLLRPVMLEHPPDTTTPSEEPGGPQMLTSQAPCVDGFEEPGARQRALSAVSVLTSALEELE
ESRHKCPPCWNRLAQRYLIWECCPLWMSIKQGVKLVVMDPFTDLTITMCIVLNTLFMALEHYNMTSEFEEMLQVGNLVFT
GIFTAEMTFKIIALDPYYYFQQGWNIFDSIIVILSLMELGLSRMSNLSVLRSFRLLRVFKLAKSWPTLNTLIKIIGNSVG
ALGNLTLVLAIIVFIFAVVGMQLFGKNYSELRDSDSGLLPRWHMMDFFHAFLIIFRILCGEWIETMWDCMEVSGQSLCLL
VFLLVMVIGNLVVLNLFLALLLSSFSADNLTAPDEDREMNNLQLALARIQRGLRFVKRTTWDFCCGLLRQRPQKPAALAA
QGQLPSCIATPYSPPPPETEKVPPTRKETRFEEGEQPGQGTPGDPEPVCVPIAVAESDTDDQEEDEENSLGTEEESSKQQ
ESQPVSGGPEAPPDSRTWSQVSATASSEAEASASQADWRQQWKAEPQAPGCGETPEDSCSEGSTADMTNTAELLEQIPDL
GQDVKDPEDCFTEGCVRRCPCCAVDTTQAPGKVWWRLRKTCYHIVEHSWFETFIIFMILLSSGALAFEDIYLEERKTIKV
LLEYADKMFTYVFVLEMLLKWVAYGFKKYFTNAWCWLDFLIVDVSLVSLVANTLGFAEMGPIKSLRTLRALRPLRALSRF
EGMRVVVNALVGAIPSIMNVLLVCLIFWLIFSIMGVNLFAGKFGRCINQTEGDLPLNYTIVNNKSQCESLNLTGELYWTK
VKVNFDNVGAGYLALLQVATFKGWMDIMYAAVDSRGYEEQPQWEYNLYMYIYFVIFIIFGSFFTLNLFIGVIIDNFNQQK
KKLGGQDIFMTEEQKKYYNAMKKLGSKKPQKPIPRPLNKYQGFIFDIVTKQAFDVTIMFLICLNMVTMMVETDDQSPEKI
NILAKINLLFVAIFTGECIVKLAALRHYYFTNSWNIFDFVVVILSIVGTVLSDIIQKYFFSPTLFRVIRLARIGRILRLI
RGAKGIRTLLFALMMSLPALFNIGLLLFLVMFIYSIFGMANFAYVKWEAGIDDMFNFQTFANSMLCLFQITTSAGWDGLL
SPILNTGPPYCDPTLPNSNGSRGDCGSPAVGILFFTTYIIISFLIVVNMYIAIILENFSVATEESTKPLSEDDFDMFYEI
WEKFDPEATQFIEYSVLSDFADALSEPLRIAKPNQISLINMDLPMVSGDRIHCMDILFAFTKRVLGESGEMDALKIQMEE
KFMAANPSKISYEPITTTLRRKHEEVSAMVIQRAFRRHLLQRSLKHASFLFRQQAGSGLSEEDAPEREGLIAYVMSENFS
RPLGPPSSSSISSTSFPPSYDSVTRATSDNLQVRGSDYSHSEDLADFPPSPDRDRESIV
;
_entity_poly.pdbx_strand_id   A
#
loop_
_chem_comp.id
_chem_comp.type
_chem_comp.name
_chem_comp.formula
NAG D-saccharide, beta linking 2-acetamido-2-deoxy-beta-D-glucopyranose 'C8 H15 N O6'
#
# COMPACT_ATOMS: atom_id res chain seq x y z
N PRO A 162 34.58 15.49 -50.63
CA PRO A 162 33.54 15.04 -51.57
C PRO A 162 32.16 15.56 -51.21
N ILE A 163 31.12 14.72 -51.40
CA ILE A 163 29.77 15.11 -51.04
C ILE A 163 29.44 14.81 -49.58
N ARG A 164 30.44 14.44 -48.78
CA ARG A 164 30.25 14.28 -47.35
C ARG A 164 29.66 15.54 -46.72
N ARG A 165 30.01 16.71 -47.29
CA ARG A 165 29.42 17.97 -46.83
C ARG A 165 27.90 17.92 -46.88
N ALA A 166 27.33 17.37 -47.95
CA ALA A 166 25.88 17.25 -48.04
C ALA A 166 25.32 16.30 -47.00
N ALA A 167 26.02 15.20 -46.70
CA ALA A 167 25.55 14.27 -45.69
C ALA A 167 25.53 14.93 -44.31
N VAL A 168 26.62 15.60 -43.94
CA VAL A 168 26.65 16.25 -42.64
C VAL A 168 25.67 17.41 -42.59
N LYS A 169 25.35 18.01 -43.75
CA LYS A 169 24.30 19.02 -43.80
C LYS A 169 22.94 18.40 -43.49
N ILE A 170 22.64 17.25 -44.10
CA ILE A 170 21.36 16.59 -43.85
C ILE A 170 21.28 16.10 -42.41
N LEU A 171 22.43 15.76 -41.81
CA LEU A 171 22.42 15.21 -40.45
C LEU A 171 21.87 16.20 -39.44
N VAL A 172 22.29 17.47 -39.51
CA VAL A 172 21.90 18.45 -38.51
C VAL A 172 20.53 19.05 -38.77
N HIS A 173 19.83 18.58 -39.80
CA HIS A 173 18.50 19.12 -40.11
C HIS A 173 17.49 18.78 -39.03
N SER A 174 16.38 19.50 -39.06
CA SER A 174 15.24 19.21 -38.19
C SER A 174 14.23 18.28 -38.84
N LEU A 175 14.06 18.38 -40.16
CA LEU A 175 13.23 17.42 -40.87
C LEU A 175 13.77 16.00 -40.69
N PHE A 176 15.08 15.85 -40.50
CA PHE A 176 15.65 14.56 -40.18
C PHE A 176 15.04 13.99 -38.90
N ASN A 177 15.06 14.77 -37.82
CA ASN A 177 14.48 14.30 -36.57
C ASN A 177 12.98 14.11 -36.68
N MET A 178 12.30 14.94 -37.48
CA MET A 178 10.87 14.76 -37.67
C MET A 178 10.57 13.44 -38.36
N LEU A 179 11.34 13.11 -39.39
CA LEU A 179 11.19 11.82 -40.07
C LEU A 179 11.46 10.68 -39.11
N ILE A 180 12.55 10.76 -38.35
CA ILE A 180 12.88 9.70 -37.39
C ILE A 180 11.72 9.50 -36.42
N MET A 181 11.20 10.60 -35.88
CA MET A 181 10.14 10.50 -34.88
C MET A 181 8.86 9.91 -35.47
N CYS A 182 8.44 10.40 -36.64
CA CYS A 182 7.20 9.90 -37.21
C CYS A 182 7.33 8.43 -37.60
N THR A 183 8.50 8.01 -38.08
CA THR A 183 8.67 6.61 -38.45
C THR A 183 8.70 5.72 -37.21
N ILE A 184 9.42 6.14 -36.16
CA ILE A 184 9.43 5.36 -34.93
C ILE A 184 8.03 5.22 -34.37
N LEU A 185 7.23 6.31 -34.46
CA LEU A 185 5.89 6.25 -33.91
C LEU A 185 4.97 5.37 -34.73
N THR A 186 5.09 5.42 -36.06
CA THR A 186 4.30 4.52 -36.91
C THR A 186 4.69 3.07 -36.62
N ASN A 187 5.97 2.81 -36.39
CA ASN A 187 6.41 1.46 -36.06
C ASN A 187 5.83 1.01 -34.74
N CYS A 188 5.93 1.84 -33.70
CA CYS A 188 5.34 1.51 -32.40
C CYS A 188 3.84 1.26 -32.53
N VAL A 189 3.17 1.95 -33.45
CA VAL A 189 1.77 1.64 -33.72
C VAL A 189 1.64 0.29 -34.39
N PHE A 190 2.65 -0.12 -35.16
CA PHE A 190 2.61 -1.40 -35.85
C PHE A 190 3.17 -2.55 -35.00
N MET A 191 4.08 -2.27 -34.07
CA MET A 191 4.58 -3.32 -33.19
C MET A 191 3.54 -3.80 -32.20
N ALA A 192 2.57 -2.96 -31.84
CA ALA A 192 1.56 -3.31 -30.85
C ALA A 192 0.35 -3.98 -31.51
N GLN A 193 0.61 -5.06 -32.27
CA GLN A 193 -0.43 -5.85 -32.89
C GLN A 193 -0.12 -7.32 -32.64
N HIS A 194 -1.05 -8.02 -31.99
CA HIS A 194 -0.83 -9.43 -31.69
C HIS A 194 -0.79 -10.27 -32.96
N ASP A 195 -1.60 -9.91 -33.96
CA ASP A 195 -1.66 -10.62 -35.23
C ASP A 195 -1.67 -9.62 -36.38
N PRO A 196 -0.51 -9.29 -36.93
CA PRO A 196 -0.46 -8.39 -38.07
C PRO A 196 -0.84 -9.11 -39.35
N PRO A 197 -1.66 -8.49 -40.19
CA PRO A 197 -2.05 -9.11 -41.46
C PRO A 197 -0.85 -9.35 -42.35
N PRO A 198 -0.99 -10.13 -43.42
CA PRO A 198 0.19 -10.45 -44.24
C PRO A 198 0.89 -9.24 -44.84
N TRP A 199 0.17 -8.18 -45.17
CA TRP A 199 0.77 -7.04 -45.87
C TRP A 199 1.61 -6.21 -44.90
N THR A 200 2.73 -6.81 -44.50
CA THR A 200 3.75 -6.10 -43.75
C THR A 200 5.12 -6.10 -44.42
N LYS A 201 5.34 -6.96 -45.41
CA LYS A 201 6.55 -6.87 -46.21
C LYS A 201 6.75 -5.45 -46.73
N TYR A 202 5.71 -4.88 -47.35
CA TYR A 202 5.64 -3.45 -47.58
C TYR A 202 6.10 -2.67 -46.35
N VAL A 203 5.42 -2.92 -45.23
CA VAL A 203 5.60 -2.08 -44.03
C VAL A 203 6.99 -2.28 -43.43
N GLU A 204 7.30 -3.51 -43.03
CA GLU A 204 8.58 -3.77 -42.38
C GLU A 204 9.75 -3.48 -43.30
N TYR A 205 9.57 -3.65 -44.61
CA TYR A 205 10.65 -3.38 -45.54
C TYR A 205 10.90 -1.88 -45.68
N THR A 206 9.82 -1.09 -45.82
CA THR A 206 9.99 0.35 -45.77
C THR A 206 10.65 0.79 -44.47
N PHE A 207 10.30 0.16 -43.36
CA PHE A 207 10.84 0.56 -42.07
C PHE A 207 12.34 0.27 -42.00
N THR A 208 12.74 -0.97 -42.33
CA THR A 208 14.17 -1.28 -42.29
C THR A 208 14.94 -0.45 -43.29
N ALA A 209 14.32 -0.10 -44.43
CA ALA A 209 14.98 0.79 -45.38
C ALA A 209 15.23 2.16 -44.77
N ILE A 210 14.21 2.71 -44.10
CA ILE A 210 14.36 4.03 -43.51
C ILE A 210 15.40 4.03 -42.40
N TYR A 211 15.42 2.96 -41.59
CA TYR A 211 16.41 2.89 -40.53
C TYR A 211 17.83 2.72 -41.08
N THR A 212 18.00 1.92 -42.12
CA THR A 212 19.30 1.81 -42.77
C THR A 212 19.72 3.14 -43.38
N PHE A 213 18.77 3.88 -43.95
CA PHE A 213 19.06 5.21 -44.47
C PHE A 213 19.55 6.13 -43.37
N GLU A 214 18.87 6.12 -42.22
CA GLU A 214 19.32 6.89 -41.06
C GLU A 214 20.74 6.54 -40.69
N SER A 215 21.01 5.24 -40.49
CA SER A 215 22.35 4.83 -40.07
C SER A 215 23.39 5.16 -41.13
N LEU A 216 23.02 5.07 -42.41
CA LEU A 216 23.94 5.42 -43.48
C LEU A 216 24.30 6.89 -43.44
N VAL A 217 23.30 7.76 -43.28
CA VAL A 217 23.56 9.19 -43.13
C VAL A 217 24.48 9.43 -41.94
N LYS A 218 24.23 8.71 -40.83
CA LYS A 218 25.02 8.95 -39.63
C LYS A 218 26.46 8.46 -39.78
N ILE A 219 26.69 7.41 -40.55
CA ILE A 219 28.05 6.89 -40.70
C ILE A 219 28.82 7.63 -41.80
N LEU A 220 28.13 8.12 -42.83
CA LEU A 220 28.80 8.92 -43.85
C LEU A 220 29.21 10.29 -43.33
N ALA A 221 28.81 10.64 -42.11
CA ALA A 221 29.20 11.90 -41.50
C ALA A 221 30.46 11.78 -40.66
N ARG A 222 30.60 10.69 -39.89
CA ARG A 222 31.76 10.54 -39.01
C ARG A 222 32.36 9.14 -39.12
N GLY A 223 32.61 8.67 -40.34
CA GLY A 223 33.18 7.35 -40.50
C GLY A 223 34.28 7.26 -41.54
N PHE A 224 34.12 6.29 -42.45
CA PHE A 224 35.04 5.96 -43.55
C PHE A 224 36.28 5.23 -43.04
N CYS A 225 36.51 5.23 -41.73
CA CYS A 225 37.52 4.41 -41.08
C CYS A 225 37.50 4.70 -39.58
N LEU A 226 38.20 3.85 -38.83
CA LEU A 226 38.72 4.10 -37.48
C LEU A 226 37.80 4.88 -36.56
N HIS A 227 36.48 4.65 -36.65
CA HIS A 227 35.54 5.42 -35.84
C HIS A 227 35.70 5.03 -34.38
N ALA A 228 36.53 5.79 -33.65
CA ALA A 228 36.73 5.60 -32.22
C ALA A 228 36.51 6.90 -31.46
N PHE A 229 36.95 8.01 -32.05
CA PHE A 229 36.66 9.35 -31.56
C PHE A 229 35.59 10.04 -32.39
N THR A 230 34.74 9.25 -33.04
CA THR A 230 33.70 9.72 -33.95
C THR A 230 32.47 8.89 -33.63
N PHE A 231 31.53 8.81 -34.58
CA PHE A 231 30.36 7.93 -34.44
C PHE A 231 30.76 6.57 -33.88
N LEU A 232 29.86 5.96 -33.10
CA LEU A 232 30.03 4.75 -32.30
C LEU A 232 30.71 5.05 -30.97
N ARG A 233 31.07 6.31 -30.71
CA ARG A 233 31.52 6.71 -29.39
C ARG A 233 30.36 7.10 -28.47
N ASP A 234 29.20 7.43 -29.05
CA ASP A 234 28.01 7.68 -28.27
C ASP A 234 27.27 6.37 -28.05
N PRO A 235 27.00 5.97 -26.80
CA PRO A 235 26.42 4.64 -26.56
C PRO A 235 25.09 4.40 -27.25
N TRP A 236 24.31 5.46 -27.51
CA TRP A 236 23.03 5.26 -28.19
C TRP A 236 23.21 4.85 -29.64
N ASN A 237 24.42 4.95 -30.18
CA ASN A 237 24.67 4.44 -31.53
C ASN A 237 24.67 2.92 -31.56
N TRP A 238 25.12 2.28 -30.47
CA TRP A 238 25.11 0.83 -30.39
C TRP A 238 23.71 0.27 -30.58
N LEU A 239 22.70 0.99 -30.07
CA LEU A 239 21.33 0.52 -30.20
C LEU A 239 20.90 0.46 -31.66
N ASP A 240 21.10 1.56 -32.39
CA ASP A 240 20.76 1.59 -33.81
C ASP A 240 21.58 0.56 -34.59
N PHE A 241 22.84 0.41 -34.23
CA PHE A 241 23.69 -0.60 -34.88
C PHE A 241 23.10 -1.99 -34.71
N SER A 242 22.69 -2.32 -33.48
CA SER A 242 22.08 -3.62 -33.22
C SER A 242 20.77 -3.78 -33.99
N VAL A 243 19.96 -2.73 -34.04
CA VAL A 243 18.69 -2.81 -34.75
C VAL A 243 18.91 -3.08 -36.23
N ILE A 244 19.86 -2.37 -36.85
CA ILE A 244 20.07 -2.57 -38.28
C ILE A 244 20.75 -3.91 -38.54
N ILE A 245 21.52 -4.43 -37.58
CA ILE A 245 22.03 -5.79 -37.70
C ILE A 245 20.88 -6.78 -37.73
N MET A 246 20.03 -6.75 -36.68
CA MET A 246 18.98 -7.75 -36.55
C MET A 246 17.96 -7.64 -37.67
N ALA A 247 17.71 -6.43 -38.15
CA ALA A 247 16.70 -6.25 -39.19
C ALA A 247 17.09 -6.97 -40.48
N TYR A 248 18.39 -7.04 -40.78
CA TYR A 248 18.85 -7.77 -41.94
C TYR A 248 19.21 -9.21 -41.63
N THR A 249 19.49 -9.50 -40.36
CA THR A 249 19.89 -10.85 -39.96
C THR A 249 18.79 -11.86 -40.27
N THR A 250 17.58 -11.60 -39.77
CA THR A 250 16.48 -12.56 -39.84
C THR A 250 15.82 -12.64 -41.21
N GLU A 251 16.38 -12.09 -42.29
CA GLU A 251 15.74 -12.16 -43.60
C GLU A 251 16.36 -13.22 -44.49
N PHE A 252 17.41 -13.90 -44.03
CA PHE A 252 18.05 -14.95 -44.81
C PHE A 252 18.27 -16.25 -44.03
N VAL A 253 18.42 -16.19 -42.71
CA VAL A 253 18.69 -17.36 -41.90
C VAL A 253 17.61 -17.49 -40.84
N ASP A 254 17.16 -18.73 -40.59
CA ASP A 254 16.17 -19.00 -39.56
C ASP A 254 16.50 -20.29 -38.81
N LEU A 255 17.79 -20.61 -38.68
CA LEU A 255 18.19 -21.83 -37.98
C LEU A 255 17.79 -21.80 -36.51
N GLY A 256 17.89 -20.63 -35.87
CA GLY A 256 17.41 -20.48 -34.52
C GLY A 256 15.92 -20.19 -34.48
N ASN A 257 15.13 -21.08 -35.09
CA ASN A 257 13.68 -20.87 -35.22
C ASN A 257 13.03 -21.08 -33.87
N VAL A 258 12.79 -19.98 -33.15
CA VAL A 258 12.11 -20.02 -31.87
C VAL A 258 11.00 -18.97 -31.90
N SER A 259 11.06 -18.09 -32.89
CA SER A 259 10.15 -16.96 -33.06
C SER A 259 10.18 -15.99 -31.89
N ALA A 260 11.17 -16.11 -31.01
CA ALA A 260 11.37 -15.17 -29.92
C ALA A 260 12.55 -14.25 -30.19
N LEU A 261 12.85 -14.01 -31.47
CA LEU A 261 13.85 -13.04 -31.87
C LEU A 261 13.22 -11.76 -32.41
N ARG A 262 12.00 -11.84 -32.92
CA ARG A 262 11.28 -10.63 -33.30
C ARG A 262 10.89 -9.79 -32.10
N THR A 263 10.89 -10.36 -30.89
CA THR A 263 10.69 -9.56 -29.69
C THR A 263 11.91 -8.71 -29.36
N PHE A 264 12.96 -8.76 -30.18
CA PHE A 264 14.05 -7.80 -30.09
C PHE A 264 13.79 -6.57 -30.92
N ARG A 265 12.75 -6.57 -31.76
CA ARG A 265 12.31 -5.36 -32.44
C ARG A 265 11.89 -4.27 -31.48
N VAL A 266 11.54 -4.62 -30.23
CA VAL A 266 11.12 -3.63 -29.25
C VAL A 266 12.28 -2.74 -28.82
N LEU A 267 13.50 -3.06 -29.22
CA LEU A 267 14.62 -2.20 -28.89
C LEU A 267 14.65 -0.94 -29.74
N ARG A 268 14.11 -0.99 -30.96
CA ARG A 268 14.10 0.20 -31.80
C ARG A 268 13.06 1.21 -31.35
N ALA A 269 12.07 0.78 -30.56
CA ALA A 269 11.16 1.72 -29.93
C ALA A 269 11.82 2.49 -28.80
N LEU A 270 13.02 2.08 -28.39
CA LEU A 270 13.79 2.79 -27.39
C LEU A 270 14.65 3.90 -27.99
N LYS A 271 14.80 3.92 -29.32
CA LYS A 271 15.57 4.95 -29.97
C LYS A 271 14.91 6.33 -29.87
N THR A 272 13.60 6.38 -29.62
CA THR A 272 12.92 7.65 -29.35
C THR A 272 13.65 8.46 -28.28
N ILE A 273 14.31 7.77 -27.35
CA ILE A 273 14.89 8.42 -26.18
C ILE A 273 16.08 9.30 -26.52
N SER A 274 16.60 9.20 -27.74
CA SER A 274 17.74 10.00 -28.17
C SER A 274 17.37 11.12 -29.13
N VAL A 275 16.25 11.00 -29.85
CA VAL A 275 15.89 11.95 -30.88
C VAL A 275 14.92 12.98 -30.30
N ILE A 276 14.88 13.07 -28.98
CA ILE A 276 14.09 14.08 -28.30
C ILE A 276 14.92 15.01 -27.42
N SER A 277 16.10 14.57 -26.97
CA SER A 277 17.14 15.38 -26.32
C SER A 277 16.80 15.79 -24.90
N GLY A 278 15.60 15.48 -24.40
CA GLY A 278 15.31 15.72 -23.00
C GLY A 278 15.26 14.41 -22.24
N LEU A 279 14.72 13.38 -22.89
CA LEU A 279 14.68 12.07 -22.27
C LEU A 279 16.08 11.54 -21.98
N LYS A 280 17.07 11.97 -22.78
CA LYS A 280 18.43 11.51 -22.55
C LYS A 280 18.94 11.98 -21.19
N THR A 281 18.73 13.24 -20.84
CA THR A 281 19.17 13.69 -19.53
C THR A 281 18.24 13.23 -18.42
N ILE A 282 16.95 13.02 -18.71
CA ILE A 282 16.08 12.40 -17.73
C ILE A 282 16.62 11.03 -17.32
N VAL A 283 17.02 10.23 -18.31
CA VAL A 283 17.54 8.91 -18.01
C VAL A 283 18.94 8.98 -17.40
N GLY A 284 19.73 9.98 -17.79
CA GLY A 284 20.97 10.24 -17.08
C GLY A 284 20.74 10.42 -15.60
N ALA A 285 19.73 11.22 -15.24
CA ALA A 285 19.38 11.42 -13.83
C ALA A 285 18.88 10.12 -13.20
N LEU A 286 18.04 9.37 -13.91
CA LEU A 286 17.54 8.11 -13.38
C LEU A 286 18.69 7.16 -13.03
N ILE A 287 19.65 7.02 -13.96
CA ILE A 287 20.76 6.12 -13.73
C ILE A 287 21.67 6.64 -12.62
N GLN A 288 21.86 7.97 -12.56
CA GLN A 288 22.64 8.54 -11.48
C GLN A 288 22.01 8.26 -10.12
N SER A 289 20.68 8.24 -10.07
CA SER A 289 19.98 7.93 -8.82
C SER A 289 20.11 6.45 -8.49
N VAL A 290 19.92 5.58 -9.49
CA VAL A 290 20.05 4.14 -9.27
C VAL A 290 21.44 3.80 -8.76
N LYS A 291 22.46 4.53 -9.23
CA LYS A 291 23.82 4.29 -8.76
C LYS A 291 23.97 4.55 -7.26
N LYS A 292 23.04 5.29 -6.66
CA LYS A 292 23.08 5.54 -5.23
C LYS A 292 22.42 4.45 -4.41
N LEU A 293 21.55 3.64 -5.02
CA LEU A 293 20.84 2.59 -4.30
C LEU A 293 21.72 1.37 -4.04
N ALA A 294 23.03 1.46 -4.26
CA ALA A 294 23.89 0.30 -4.06
C ALA A 294 23.76 -0.29 -2.67
N ASP A 295 23.94 0.52 -1.63
CA ASP A 295 23.88 0.03 -0.27
C ASP A 295 22.48 -0.46 0.09
N VAL A 296 21.45 0.26 -0.39
CA VAL A 296 20.09 -0.09 0.00
C VAL A 296 19.70 -1.46 -0.53
N MET A 297 20.15 -1.82 -1.74
CA MET A 297 19.77 -3.11 -2.30
C MET A 297 20.46 -4.26 -1.56
N VAL A 298 21.73 -4.10 -1.21
CA VAL A 298 22.42 -5.17 -0.49
C VAL A 298 21.86 -5.30 0.93
N LEU A 299 21.52 -4.19 1.56
CA LEU A 299 20.88 -4.27 2.87
C LEU A 299 19.51 -4.92 2.77
N THR A 300 18.76 -4.61 1.70
CA THR A 300 17.46 -5.21 1.50
C THR A 300 17.57 -6.71 1.35
N VAL A 301 18.50 -7.18 0.51
CA VAL A 301 18.62 -8.63 0.33
C VAL A 301 19.15 -9.29 1.59
N PHE A 302 20.02 -8.62 2.35
CA PHE A 302 20.54 -9.20 3.59
C PHE A 302 19.41 -9.39 4.61
N CYS A 303 18.62 -8.34 4.85
CA CYS A 303 17.54 -8.45 5.83
C CYS A 303 16.45 -9.38 5.34
N LEU A 304 16.15 -9.36 4.05
CA LEU A 304 15.14 -10.24 3.50
C LEU A 304 15.56 -11.70 3.64
N SER A 305 16.86 -11.98 3.46
CA SER A 305 17.34 -13.35 3.62
C SER A 305 17.38 -13.77 5.08
N VAL A 306 17.73 -12.85 5.99
CA VAL A 306 17.72 -13.18 7.41
C VAL A 306 16.31 -13.53 7.87
N PHE A 307 15.35 -12.66 7.55
CA PHE A 307 13.96 -12.97 7.89
C PHE A 307 13.46 -14.20 7.15
N ALA A 308 14.00 -14.49 5.96
CA ALA A 308 13.58 -15.68 5.24
C ALA A 308 14.09 -16.94 5.93
N LEU A 309 15.30 -16.89 6.48
CA LEU A 309 15.80 -18.01 7.27
C LEU A 309 14.99 -18.19 8.54
N ILE A 310 14.59 -17.08 9.16
CA ILE A 310 13.73 -17.17 10.34
C ILE A 310 12.41 -17.84 10.00
N GLY A 311 11.74 -17.36 8.96
CA GLY A 311 10.51 -17.99 8.53
C GLY A 311 10.70 -19.41 8.07
N LEU A 312 11.89 -19.73 7.55
CA LEU A 312 12.22 -21.10 7.18
C LEU A 312 12.21 -22.01 8.40
N GLN A 313 12.95 -21.63 9.44
CA GLN A 313 12.95 -22.41 10.67
C GLN A 313 11.55 -22.54 11.25
N LEU A 314 10.81 -21.43 11.31
CA LEU A 314 9.53 -21.45 12.03
C LEU A 314 8.41 -22.14 11.27
N PHE A 315 8.38 -22.02 9.94
CA PHE A 315 7.24 -22.50 9.17
C PHE A 315 7.65 -23.52 8.13
N MET A 316 8.77 -24.22 8.33
CA MET A 316 9.15 -25.28 7.42
C MET A 316 8.03 -26.31 7.34
N GLY A 317 7.39 -26.42 6.19
CA GLY A 317 6.29 -27.35 6.03
C GLY A 317 5.00 -26.95 6.70
N ASN A 318 4.97 -25.84 7.43
CA ASN A 318 3.74 -25.40 8.10
C ASN A 318 2.72 -24.80 7.15
N LEU A 319 3.03 -24.71 5.85
CA LEU A 319 2.08 -24.24 4.86
C LEU A 319 1.40 -25.37 4.11
N ARG A 320 1.74 -26.63 4.42
CA ARG A 320 1.19 -27.76 3.71
C ARG A 320 0.06 -28.45 4.49
N HIS A 321 -0.11 -28.13 5.77
CA HIS A 321 -1.17 -28.73 6.57
C HIS A 321 -2.52 -28.59 5.88
N LYS A 322 -3.30 -29.66 5.90
CA LYS A 322 -4.63 -29.65 5.31
C LYS A 322 -5.56 -30.53 6.15
N CYS A 323 -6.82 -30.15 6.23
CA CYS A 323 -7.81 -30.93 6.94
C CYS A 323 -8.20 -32.13 6.09
N VAL A 324 -7.52 -33.25 6.28
CA VAL A 324 -7.81 -34.46 5.54
C VAL A 324 -8.92 -35.21 6.26
N ARG A 325 -9.57 -36.13 5.55
CA ARG A 325 -10.59 -36.95 6.16
C ARG A 325 -9.97 -37.95 7.13
N ASN A 326 -10.80 -38.78 7.74
CA ASN A 326 -10.31 -39.84 8.59
C ASN A 326 -10.17 -41.13 7.79
N PHE A 327 -9.44 -42.08 8.36
CA PHE A 327 -9.19 -43.34 7.67
C PHE A 327 -8.73 -44.38 8.67
N THR A 328 -8.88 -45.64 8.28
CA THR A 328 -8.45 -46.79 9.07
C THR A 328 -7.54 -47.66 8.20
N ALA A 329 -6.46 -48.17 8.81
CA ALA A 329 -5.53 -49.00 8.06
C ALA A 329 -6.20 -50.23 7.45
N LEU A 330 -7.26 -50.72 8.10
CA LEU A 330 -8.15 -51.76 7.57
C LEU A 330 -7.49 -53.13 7.55
N ASN A 331 -6.18 -53.17 7.81
CA ASN A 331 -5.39 -54.40 7.88
C ASN A 331 -5.83 -55.43 6.84
N GLY A 332 -5.90 -54.98 5.58
CA GLY A 332 -6.35 -55.85 4.52
C GLY A 332 -5.41 -55.89 3.33
N THR A 333 -4.19 -55.39 3.52
CA THR A 333 -3.22 -55.33 2.45
C THR A 333 -1.83 -55.19 3.05
N ASN A 334 -0.85 -55.79 2.36
CA ASN A 334 0.56 -55.69 2.76
C ASN A 334 0.95 -54.25 3.07
N GLY A 335 0.69 -53.34 2.13
CA GLY A 335 1.02 -51.95 2.31
C GLY A 335 -0.10 -51.16 2.98
N SER A 336 0.25 -49.96 3.43
CA SER A 336 -0.72 -49.10 4.11
C SER A 336 -1.89 -48.79 3.18
N VAL A 337 -3.06 -49.28 3.56
CA VAL A 337 -4.30 -49.01 2.83
C VAL A 337 -5.25 -48.24 3.72
N GLU A 338 -6.17 -47.51 3.10
CA GLU A 338 -7.06 -46.61 3.80
C GLU A 338 -8.51 -47.00 3.53
N ALA A 339 -9.34 -46.88 4.56
CA ALA A 339 -10.78 -47.11 4.44
C ALA A 339 -11.49 -45.81 4.82
N ASP A 340 -12.30 -45.29 3.89
CA ASP A 340 -13.02 -44.05 4.14
C ASP A 340 -14.43 -44.09 3.55
N GLY A 341 -14.99 -45.27 3.37
CA GLY A 341 -16.22 -45.44 2.62
C GLY A 341 -15.90 -46.22 1.36
N LEU A 342 -14.77 -45.87 0.75
CA LEU A 342 -14.13 -46.63 -0.30
C LEU A 342 -12.79 -47.13 0.22
N VAL A 343 -12.01 -47.76 -0.65
CA VAL A 343 -10.69 -48.28 -0.28
C VAL A 343 -9.64 -47.60 -1.14
N TRP A 344 -8.59 -47.10 -0.48
CA TRP A 344 -7.40 -46.59 -1.14
C TRP A 344 -6.24 -47.54 -0.89
N GLU A 345 -5.07 -47.16 -1.39
CA GLU A 345 -3.85 -47.92 -1.17
C GLU A 345 -2.69 -46.95 -1.02
N SER A 346 -1.57 -47.44 -0.47
CA SER A 346 -0.31 -46.72 -0.50
C SER A 346 -0.46 -45.30 0.07
N LEU A 347 -0.60 -45.24 1.40
CA LEU A 347 -1.12 -44.08 2.13
C LEU A 347 -0.84 -42.74 1.48
N ASP A 348 0.38 -42.55 0.98
CA ASP A 348 0.69 -41.33 0.22
C ASP A 348 -0.28 -41.13 -0.94
N LEU A 349 -0.80 -42.22 -1.51
CA LEU A 349 -1.78 -42.08 -2.59
C LEU A 349 -3.13 -41.61 -2.08
N TYR A 350 -3.51 -41.98 -0.85
CA TYR A 350 -4.70 -41.42 -0.25
C TYR A 350 -4.51 -39.94 0.07
N LEU A 351 -3.37 -39.61 0.68
CA LEU A 351 -3.14 -38.23 1.11
C LEU A 351 -3.03 -37.29 -0.07
N SER A 352 -2.27 -37.66 -1.10
CA SER A 352 -2.09 -36.79 -2.25
C SER A 352 -3.38 -36.61 -3.06
N ASP A 353 -4.38 -37.45 -2.83
CA ASP A 353 -5.65 -37.30 -3.53
C ASP A 353 -6.36 -36.04 -3.04
N PRO A 354 -6.77 -35.13 -3.93
CA PRO A 354 -7.43 -33.91 -3.50
C PRO A 354 -8.92 -34.04 -3.21
N GLU A 355 -9.45 -35.25 -3.11
CA GLU A 355 -10.81 -35.44 -2.64
C GLU A 355 -10.90 -35.53 -1.13
N ASN A 356 -9.80 -35.83 -0.46
CA ASN A 356 -9.77 -35.86 1.01
C ASN A 356 -9.31 -34.53 1.60
N TYR A 357 -9.93 -33.43 1.16
CA TYR A 357 -9.59 -32.10 1.64
C TYR A 357 -10.87 -31.36 2.01
N LEU A 358 -10.72 -30.18 2.58
CA LEU A 358 -11.84 -29.31 2.93
C LEU A 358 -11.71 -27.98 2.21
N LEU A 359 -12.66 -27.69 1.35
CA LEU A 359 -12.75 -26.36 0.75
C LEU A 359 -13.18 -25.37 1.82
N LYS A 360 -12.38 -24.33 2.01
CA LYS A 360 -12.74 -23.27 2.94
C LYS A 360 -14.12 -22.71 2.58
N ASN A 361 -14.84 -22.24 3.60
CA ASN A 361 -16.20 -21.75 3.39
C ASN A 361 -16.21 -20.60 2.40
N GLY A 362 -17.11 -20.67 1.43
CA GLY A 362 -17.21 -19.61 0.43
C GLY A 362 -16.13 -19.61 -0.64
N THR A 363 -14.87 -19.68 -0.24
CA THR A 363 -13.77 -19.64 -1.19
C THR A 363 -13.59 -21.01 -1.84
N SER A 364 -12.50 -21.18 -2.57
CA SER A 364 -12.17 -22.46 -3.22
C SER A 364 -10.78 -22.93 -2.85
N ASP A 365 -10.22 -22.45 -1.74
CA ASP A 365 -8.94 -22.93 -1.25
C ASP A 365 -9.15 -24.25 -0.53
N VAL A 366 -8.09 -24.75 0.10
CA VAL A 366 -8.17 -25.95 0.94
C VAL A 366 -7.92 -25.51 2.37
N LEU A 367 -8.83 -25.89 3.27
CA LEU A 367 -8.78 -25.40 4.65
C LEU A 367 -7.50 -25.83 5.32
N LEU A 368 -6.69 -24.86 5.76
CA LEU A 368 -5.51 -25.14 6.56
C LEU A 368 -5.89 -25.29 8.03
N CYS A 369 -5.19 -26.20 8.71
CA CYS A 369 -5.49 -26.52 10.10
C CYS A 369 -4.25 -27.12 10.72
N GLY A 370 -3.74 -26.49 11.80
CA GLY A 370 -2.40 -26.77 12.24
C GLY A 370 -2.20 -27.34 13.63
N ASN A 371 -3.17 -28.12 14.11
CA ASN A 371 -2.91 -29.10 15.16
C ASN A 371 -2.57 -28.48 16.52
N SER A 372 -2.44 -27.16 16.58
CA SER A 372 -1.92 -26.51 17.77
C SER A 372 -3.06 -26.09 18.70
N SER A 373 -2.69 -25.46 19.81
CA SER A 373 -3.67 -25.09 20.82
C SER A 373 -4.59 -23.98 20.33
N ASP A 374 -4.04 -22.99 19.63
CA ASP A 374 -4.79 -21.81 19.25
C ASP A 374 -5.07 -21.67 17.77
N ALA A 375 -4.19 -22.19 16.90
CA ALA A 375 -4.29 -21.96 15.47
C ALA A 375 -5.07 -23.07 14.80
N GLY A 376 -6.11 -22.70 14.06
CA GLY A 376 -6.85 -23.65 13.26
C GLY A 376 -7.65 -24.61 14.10
N THR A 377 -8.67 -25.22 13.50
CA THR A 377 -9.44 -26.25 14.19
C THR A 377 -9.96 -27.20 13.11
N CYS A 378 -9.27 -28.31 12.93
CA CYS A 378 -9.73 -29.35 12.05
C CYS A 378 -11.08 -29.89 12.54
N PRO A 379 -12.13 -29.85 11.72
CA PRO A 379 -13.49 -30.11 12.22
C PRO A 379 -13.74 -31.55 12.66
N GLU A 380 -15.00 -31.84 12.98
CA GLU A 380 -15.36 -33.10 13.62
C GLU A 380 -14.87 -34.30 12.82
N GLY A 381 -15.39 -34.48 11.61
CA GLY A 381 -15.01 -35.64 10.83
C GLY A 381 -13.80 -35.41 9.95
N TYR A 382 -12.74 -34.84 10.51
CA TYR A 382 -11.58 -34.46 9.71
C TYR A 382 -10.34 -34.42 10.58
N ARG A 383 -9.28 -35.10 10.12
CA ARG A 383 -7.98 -34.99 10.75
C ARG A 383 -7.17 -33.91 10.06
N CYS A 384 -6.42 -33.16 10.86
CA CYS A 384 -5.60 -32.06 10.38
C CYS A 384 -4.13 -32.48 10.30
N LEU A 385 -3.79 -33.12 9.19
CA LEU A 385 -2.47 -33.65 8.88
C LEU A 385 -1.75 -32.77 7.86
N LYS A 386 -0.52 -33.16 7.55
CA LYS A 386 0.34 -32.41 6.63
C LYS A 386 0.56 -33.24 5.37
N ALA A 387 -0.24 -32.99 4.33
CA ALA A 387 -0.13 -33.75 3.09
C ALA A 387 -0.83 -32.98 1.98
N GLY A 388 -0.10 -32.69 0.90
CA GLY A 388 -0.66 -31.97 -0.22
C GLY A 388 0.43 -31.27 -0.99
N GLU A 389 0.04 -30.70 -2.13
CA GLU A 389 1.05 -30.00 -2.92
C GLU A 389 1.44 -28.68 -2.27
N ASN A 390 0.54 -27.69 -2.31
CA ASN A 390 0.70 -26.37 -1.72
C ASN A 390 -0.51 -25.49 -2.02
N PRO A 391 -0.65 -24.35 -1.38
CA PRO A 391 -1.61 -23.35 -1.85
C PRO A 391 -1.01 -22.44 -2.92
N ASP A 392 -1.90 -21.84 -3.71
CA ASP A 392 -1.52 -20.95 -4.80
C ASP A 392 -0.70 -21.68 -5.86
N HIS A 393 -1.17 -22.86 -6.24
CA HIS A 393 -0.58 -23.74 -7.26
C HIS A 393 0.80 -24.25 -6.89
N GLY A 394 1.33 -23.91 -5.72
CA GLY A 394 2.63 -24.40 -5.30
C GLY A 394 3.67 -23.35 -5.02
N TYR A 395 3.36 -22.05 -5.16
CA TYR A 395 4.37 -21.01 -5.11
C TYR A 395 4.38 -20.28 -3.77
N THR A 396 3.91 -20.92 -2.70
CA THR A 396 3.71 -20.22 -1.44
C THR A 396 4.56 -20.72 -0.28
N SER A 397 4.83 -22.02 -0.19
CA SER A 397 5.40 -22.60 1.02
C SER A 397 6.71 -21.93 1.42
N PHE A 398 7.04 -22.06 2.71
CA PHE A 398 8.34 -21.70 3.25
C PHE A 398 9.31 -22.86 3.20
N ASP A 399 9.02 -23.89 2.40
CA ASP A 399 9.79 -25.13 2.43
C ASP A 399 11.25 -24.92 2.04
N SER A 400 11.49 -24.49 0.81
CA SER A 400 12.85 -24.20 0.39
C SER A 400 13.17 -22.73 0.66
N PHE A 401 14.47 -22.40 0.57
CA PHE A 401 14.86 -21.02 0.82
C PHE A 401 14.43 -20.09 -0.31
N ALA A 402 14.32 -20.61 -1.53
CA ALA A 402 13.89 -19.77 -2.65
C ALA A 402 12.46 -19.29 -2.47
N TRP A 403 11.54 -20.22 -2.21
CA TRP A 403 10.15 -19.83 -1.98
C TRP A 403 10.02 -18.97 -0.74
N ALA A 404 10.84 -19.21 0.29
CA ALA A 404 10.81 -18.35 1.47
C ALA A 404 11.23 -16.93 1.13
N PHE A 405 12.29 -16.79 0.33
CA PHE A 405 12.74 -15.46 -0.09
C PHE A 405 11.66 -14.76 -0.91
N LEU A 406 10.98 -15.52 -1.79
CA LEU A 406 9.91 -14.92 -2.59
C LEU A 406 8.75 -14.44 -1.72
N ALA A 407 8.28 -15.31 -0.82
CA ALA A 407 7.19 -14.92 0.08
C ALA A 407 7.58 -13.74 0.96
N LEU A 408 8.84 -13.66 1.37
CA LEU A 408 9.17 -12.54 2.23
C LEU A 408 9.39 -11.27 1.42
N PHE A 409 9.72 -11.41 0.13
CA PHE A 409 9.72 -10.23 -0.74
C PHE A 409 8.30 -9.71 -0.96
N ARG A 410 7.35 -10.63 -1.08
CA ARG A 410 5.95 -10.26 -1.26
C ARG A 410 5.53 -9.50 0.00
N LEU A 411 5.95 -10.00 1.16
CA LEU A 411 5.70 -9.32 2.42
C LEU A 411 6.32 -7.93 2.43
N MET A 412 7.54 -7.80 1.91
CA MET A 412 8.23 -6.51 1.93
C MET A 412 7.53 -5.49 1.04
N THR A 413 7.01 -5.92 -0.11
CA THR A 413 6.22 -5.03 -0.94
C THR A 413 4.76 -5.00 -0.54
N GLN A 414 4.38 -5.72 0.50
CA GLN A 414 3.01 -5.69 1.04
C GLN A 414 1.98 -6.06 -0.03
N ASP A 415 2.40 -6.81 -1.02
CA ASP A 415 1.54 -7.19 -2.13
C ASP A 415 0.77 -8.44 -1.74
N CYS A 416 -0.53 -8.29 -1.48
CA CYS A 416 -1.41 -9.37 -1.07
C CYS A 416 -0.78 -10.18 0.07
N TRP A 417 -0.30 -9.46 1.07
CA TRP A 417 0.35 -10.09 2.20
C TRP A 417 -0.63 -10.57 3.26
N GLU A 418 -1.84 -10.02 3.29
CA GLU A 418 -2.87 -10.49 4.22
C GLU A 418 -3.27 -11.93 3.96
N ARG A 419 -3.18 -12.40 2.72
CA ARG A 419 -3.49 -13.80 2.43
C ARG A 419 -2.42 -14.71 3.03
N LEU A 420 -1.15 -14.34 2.88
CA LEU A 420 -0.07 -15.10 3.51
C LEU A 420 -0.21 -15.06 5.02
N TYR A 421 -0.63 -13.91 5.55
CA TYR A 421 -0.93 -13.74 6.97
C TYR A 421 -1.99 -14.70 7.49
N GLN A 422 -3.15 -14.74 6.82
CA GLN A 422 -4.25 -15.61 7.22
C GLN A 422 -4.03 -17.07 6.86
N GLN A 423 -3.03 -17.38 6.03
CA GLN A 423 -2.66 -18.77 5.80
C GLN A 423 -1.56 -19.26 6.70
N THR A 424 -0.73 -18.36 7.24
CA THR A 424 0.34 -18.77 8.14
C THR A 424 -0.15 -18.84 9.57
N LEU A 425 -0.89 -17.83 10.02
CA LEU A 425 -1.39 -17.88 11.39
C LEU A 425 -2.43 -18.98 11.59
N ARG A 426 -3.13 -19.36 10.52
CA ARG A 426 -4.16 -20.38 10.64
C ARG A 426 -3.57 -21.76 10.87
N SER A 427 -2.33 -21.98 10.47
CA SER A 427 -1.71 -23.30 10.55
C SER A 427 -0.54 -23.36 11.51
N ALA A 428 0.07 -22.24 11.86
CA ALA A 428 1.27 -22.23 12.69
C ALA A 428 1.02 -21.76 14.12
N GLY A 429 0.14 -20.79 14.33
CA GLY A 429 -0.07 -20.26 15.66
C GLY A 429 -0.43 -18.79 15.66
N LYS A 430 -1.48 -18.42 16.38
CA LYS A 430 -1.84 -17.01 16.47
C LYS A 430 -0.72 -16.19 17.10
N ILE A 431 0.03 -16.79 18.04
CA ILE A 431 1.13 -16.09 18.67
C ILE A 431 2.26 -15.77 17.71
N TYR A 432 2.19 -16.27 16.48
CA TYR A 432 3.22 -16.01 15.49
C TYR A 432 3.00 -14.70 14.74
N MET A 433 1.89 -14.00 14.99
CA MET A 433 1.75 -12.67 14.42
C MET A 433 2.79 -11.69 14.93
N ILE A 434 3.54 -12.05 15.98
CA ILE A 434 4.68 -11.24 16.38
C ILE A 434 5.70 -11.20 15.25
N PHE A 435 5.89 -12.32 14.55
CA PHE A 435 6.79 -12.34 13.41
C PHE A 435 6.30 -11.42 12.30
N PHE A 436 4.99 -11.44 12.04
CA PHE A 436 4.45 -10.61 10.96
C PHE A 436 4.51 -9.13 11.32
N MET A 437 4.28 -8.78 12.59
CA MET A 437 4.41 -7.38 12.95
C MET A 437 5.87 -6.96 13.08
N LEU A 438 6.79 -7.91 13.20
CA LEU A 438 8.20 -7.57 13.07
C LEU A 438 8.57 -7.29 11.63
N VAL A 439 8.11 -8.13 10.70
CA VAL A 439 8.48 -7.93 9.31
C VAL A 439 7.80 -6.70 8.72
N ILE A 440 6.48 -6.58 8.88
CA ILE A 440 5.74 -5.45 8.32
C ILE A 440 6.32 -4.13 8.80
N PHE A 441 6.80 -4.07 10.04
CA PHE A 441 7.43 -2.85 10.53
C PHE A 441 8.85 -2.70 10.00
N LEU A 442 9.73 -3.65 10.32
CA LEU A 442 11.15 -3.45 10.07
C LEU A 442 11.48 -3.59 8.58
N GLY A 443 11.07 -4.69 7.96
CA GLY A 443 11.35 -4.85 6.56
C GLY A 443 10.52 -3.92 5.69
N SER A 444 9.21 -4.15 5.63
CA SER A 444 8.39 -3.47 4.63
C SER A 444 8.44 -1.95 4.79
N PHE A 445 7.94 -1.44 5.91
CA PHE A 445 7.81 -0.01 6.17
C PHE A 445 9.07 0.75 6.36
N TYR A 446 10.12 0.16 6.82
CA TYR A 446 11.39 0.86 6.97
C TYR A 446 12.22 0.80 5.69
N LEU A 447 12.26 -0.35 5.01
CA LEU A 447 13.03 -0.44 3.78
C LEU A 447 12.40 0.36 2.66
N VAL A 448 11.06 0.33 2.54
CA VAL A 448 10.40 1.14 1.51
C VAL A 448 10.70 2.62 1.74
N ASN A 449 10.56 3.08 2.99
CA ASN A 449 10.84 4.48 3.29
C ASN A 449 12.31 4.82 3.14
N LEU A 450 13.21 3.88 3.39
CA LEU A 450 14.63 4.14 3.16
C LEU A 450 14.93 4.28 1.67
N ILE A 451 14.27 3.46 0.84
CA ILE A 451 14.39 3.63 -0.60
C ILE A 451 13.90 5.01 -1.01
N LEU A 452 12.72 5.40 -0.53
CA LEU A 452 12.19 6.73 -0.83
C LEU A 452 13.18 7.81 -0.42
N ALA A 453 13.73 7.70 0.78
CA ALA A 453 14.60 8.74 1.31
C ALA A 453 15.90 8.83 0.52
N VAL A 454 16.49 7.69 0.17
CA VAL A 454 17.75 7.72 -0.58
C VAL A 454 17.54 8.26 -1.97
N VAL A 455 16.45 7.85 -2.64
CA VAL A 455 16.17 8.38 -3.97
C VAL A 455 15.92 9.88 -3.91
N ALA A 456 15.18 10.34 -2.89
CA ALA A 456 14.92 11.77 -2.75
C ALA A 456 16.22 12.53 -2.48
N MET A 457 17.11 11.97 -1.66
CA MET A 457 18.37 12.63 -1.38
C MET A 457 19.22 12.76 -2.63
N ALA A 458 19.31 11.69 -3.42
CA ALA A 458 20.10 11.76 -4.65
C ALA A 458 19.48 12.73 -5.65
N TYR A 459 18.15 12.70 -5.79
CA TYR A 459 17.48 13.63 -6.69
C TYR A 459 17.73 15.08 -6.29
N GLU A 460 17.52 15.40 -5.00
CA GLU A 460 17.73 16.76 -4.55
C GLU A 460 19.18 17.16 -4.65
N GLU A 461 20.12 16.23 -4.48
CA GLU A 461 21.54 16.57 -4.62
C GLU A 461 21.86 16.94 -6.06
N GLN A 462 21.44 16.11 -7.03
CA GLN A 462 21.70 16.45 -8.43
C GLN A 462 20.94 17.70 -8.85
N ASN A 463 19.78 17.95 -8.24
CA ASN A 463 19.05 19.19 -8.53
C ASN A 463 19.79 20.40 -7.99
N GLN A 464 20.35 20.29 -6.79
CA GLN A 464 21.18 21.37 -6.26
C GLN A 464 22.39 21.60 -7.15
N ALA A 465 22.97 20.52 -7.68
CA ALA A 465 24.11 20.66 -8.58
C ALA A 465 23.73 21.40 -9.86
N THR A 466 22.61 21.01 -10.48
CA THR A 466 22.23 21.67 -11.73
C THR A 466 21.80 23.11 -11.49
N ILE A 467 21.21 23.41 -10.33
CA ILE A 467 20.90 24.79 -10.00
C ILE A 467 22.18 25.59 -9.81
N ALA A 468 23.16 25.02 -9.11
CA ALA A 468 24.43 25.71 -8.92
C ALA A 468 25.13 25.96 -10.24
N GLU A 469 24.99 25.06 -11.21
CA GLU A 469 25.67 25.29 -12.48
C GLU A 469 24.90 26.26 -13.37
N THR A 470 23.57 26.21 -13.37
CA THR A 470 22.81 27.19 -14.14
C THR A 470 22.85 28.57 -13.50
N GLU A 471 23.30 28.66 -12.25
CA GLU A 471 23.51 29.97 -11.63
C GLU A 471 24.52 30.80 -12.44
N GLU A 472 25.57 30.16 -12.93
CA GLU A 472 26.57 30.85 -13.74
C GLU A 472 26.38 30.55 -15.22
N CYS A 742 -23.99 55.18 -34.27
CA CYS A 742 -23.89 53.95 -33.49
C CYS A 742 -22.97 54.14 -32.30
N CYS A 743 -22.18 55.22 -32.33
CA CYS A 743 -21.20 55.45 -31.27
C CYS A 743 -21.83 55.82 -29.93
N PRO A 744 -22.81 56.76 -29.84
CA PRO A 744 -23.28 57.22 -28.52
C PRO A 744 -23.81 56.11 -27.63
N LEU A 745 -24.81 55.37 -28.10
CA LEU A 745 -25.39 54.31 -27.27
C LEU A 745 -24.38 53.20 -27.00
N TRP A 746 -23.57 52.86 -28.00
CA TRP A 746 -22.54 51.84 -27.81
C TRP A 746 -21.61 52.21 -26.67
N MET A 747 -21.05 53.43 -26.70
CA MET A 747 -20.11 53.82 -25.66
C MET A 747 -20.80 54.02 -24.31
N SER A 748 -22.04 54.51 -24.30
CA SER A 748 -22.74 54.70 -23.03
C SER A 748 -23.01 53.36 -22.34
N ILE A 749 -23.55 52.40 -23.08
CA ILE A 749 -23.79 51.08 -22.52
C ILE A 749 -22.47 50.41 -22.15
N LYS A 750 -21.41 50.64 -22.93
CA LYS A 750 -20.11 50.09 -22.59
C LYS A 750 -19.63 50.60 -21.23
N GLN A 751 -19.74 51.92 -21.01
CA GLN A 751 -19.33 52.48 -19.73
C GLN A 751 -20.17 51.95 -18.59
N GLY A 752 -21.50 51.93 -18.76
CA GLY A 752 -22.37 51.42 -17.71
C GLY A 752 -22.07 49.98 -17.36
N VAL A 753 -21.87 49.14 -18.38
CA VAL A 753 -21.58 47.74 -18.15
C VAL A 753 -20.24 47.57 -17.46
N LYS A 754 -19.19 48.19 -18.00
CA LYS A 754 -17.87 48.10 -17.38
C LYS A 754 -17.89 48.58 -15.94
N LEU A 755 -18.80 49.50 -15.61
CA LEU A 755 -18.95 49.92 -14.22
C LEU A 755 -19.62 48.84 -13.39
N VAL A 756 -20.71 48.26 -13.89
CA VAL A 756 -21.50 47.36 -13.06
C VAL A 756 -20.87 45.97 -12.97
N VAL A 757 -20.30 45.48 -14.06
CA VAL A 757 -19.89 44.07 -14.12
C VAL A 757 -18.71 43.81 -13.17
N MET A 758 -17.76 44.74 -13.08
CA MET A 758 -16.59 44.55 -12.25
C MET A 758 -16.88 44.68 -10.76
N ASP A 759 -18.13 44.82 -10.36
CA ASP A 759 -18.47 44.87 -8.94
C ASP A 759 -18.13 43.55 -8.28
N PRO A 760 -17.27 43.53 -7.27
CA PRO A 760 -16.89 42.25 -6.65
C PRO A 760 -18.07 41.48 -6.06
N PHE A 761 -19.18 42.16 -5.76
CA PHE A 761 -20.37 41.43 -5.34
C PHE A 761 -20.94 40.59 -6.48
N THR A 762 -20.77 41.04 -7.73
CA THR A 762 -21.16 40.21 -8.85
C THR A 762 -20.26 38.99 -8.97
N ASP A 763 -18.97 39.16 -8.69
CA ASP A 763 -18.07 38.00 -8.64
C ASP A 763 -18.52 37.03 -7.54
N LEU A 764 -18.92 37.56 -6.38
CA LEU A 764 -19.38 36.70 -5.30
C LEU A 764 -20.64 35.93 -5.70
N THR A 765 -21.60 36.61 -6.33
CA THR A 765 -22.83 35.90 -6.69
C THR A 765 -22.59 34.92 -7.83
N ILE A 766 -21.61 35.18 -8.70
CA ILE A 766 -21.28 34.20 -9.73
C ILE A 766 -20.60 32.99 -9.11
N THR A 767 -19.72 33.20 -8.12
CA THR A 767 -19.15 32.07 -7.41
C THR A 767 -20.22 31.26 -6.72
N MET A 768 -21.20 31.93 -6.11
CA MET A 768 -22.29 31.20 -5.46
C MET A 768 -23.14 30.46 -6.49
N CYS A 769 -23.33 31.04 -7.67
CA CYS A 769 -24.04 30.34 -8.74
C CYS A 769 -23.29 29.09 -9.18
N ILE A 770 -21.98 29.19 -9.33
CA ILE A 770 -21.17 28.02 -9.71
C ILE A 770 -21.28 26.94 -8.64
N VAL A 771 -21.14 27.32 -7.37
CA VAL A 771 -21.20 26.35 -6.29
C VAL A 771 -22.57 25.68 -6.25
N LEU A 772 -23.62 26.48 -6.39
CA LEU A 772 -24.97 25.92 -6.40
C LEU A 772 -25.17 24.99 -7.59
N ASN A 773 -24.55 25.31 -8.73
CA ASN A 773 -24.67 24.44 -9.89
C ASN A 773 -23.98 23.09 -9.63
N THR A 774 -22.77 23.13 -9.09
CA THR A 774 -22.08 21.88 -8.77
C THR A 774 -22.88 21.06 -7.76
N LEU A 775 -23.49 21.73 -6.78
CA LEU A 775 -24.32 21.01 -5.82
C LEU A 775 -25.65 20.58 -6.45
N PHE A 776 -26.00 21.13 -7.60
CA PHE A 776 -27.19 20.66 -8.32
C PHE A 776 -26.87 19.41 -9.13
N MET A 777 -25.67 19.35 -9.72
CA MET A 777 -25.30 18.13 -10.45
C MET A 777 -25.10 16.97 -9.50
N ALA A 778 -24.72 17.23 -8.25
CA ALA A 778 -24.52 16.16 -7.28
C ALA A 778 -25.83 15.48 -6.90
N LEU A 779 -26.94 16.23 -6.93
CA LEU A 779 -28.23 15.68 -6.51
C LEU A 779 -28.79 14.62 -7.44
N GLU A 780 -28.05 14.21 -8.46
CA GLU A 780 -28.47 13.07 -9.28
C GLU A 780 -28.09 11.78 -8.56
N HIS A 781 -28.98 10.80 -8.63
CA HIS A 781 -28.77 9.53 -7.96
C HIS A 781 -29.37 8.42 -8.82
N TYR A 782 -29.41 7.21 -8.26
CA TYR A 782 -29.77 6.03 -9.04
C TYR A 782 -31.19 6.15 -9.61
N ASN A 783 -32.19 6.19 -8.73
CA ASN A 783 -33.58 6.15 -9.16
C ASN A 783 -34.27 7.42 -8.66
N MET A 784 -34.16 8.48 -9.46
CA MET A 784 -34.83 9.73 -9.14
C MET A 784 -36.32 9.60 -9.38
N THR A 785 -37.12 10.14 -8.46
CA THR A 785 -38.56 10.17 -8.66
C THR A 785 -38.88 11.01 -9.89
N SER A 786 -40.10 10.81 -10.41
CA SER A 786 -40.51 11.55 -11.60
C SER A 786 -40.52 13.06 -11.31
N GLU A 787 -40.18 13.83 -12.35
CA GLU A 787 -40.14 15.29 -12.32
C GLU A 787 -38.95 15.82 -11.52
N PHE A 788 -38.23 14.94 -10.83
CA PHE A 788 -36.99 15.37 -10.19
C PHE A 788 -35.92 15.65 -11.23
N GLU A 789 -35.80 14.76 -12.21
CA GLU A 789 -34.91 15.00 -13.34
C GLU A 789 -35.35 16.23 -14.12
N GLU A 790 -36.66 16.47 -14.20
CA GLU A 790 -37.15 17.68 -14.88
C GLU A 790 -36.73 18.94 -14.12
N MET A 791 -36.89 18.93 -12.79
CA MET A 791 -36.43 20.05 -11.99
C MET A 791 -34.93 20.26 -12.14
N LEU A 792 -34.16 19.18 -12.19
CA LEU A 792 -32.72 19.31 -12.36
C LEU A 792 -32.38 19.92 -13.72
N GLN A 793 -33.06 19.49 -14.78
CA GLN A 793 -32.83 20.04 -16.10
C GLN A 793 -33.18 21.52 -16.15
N VAL A 794 -34.31 21.89 -15.55
CA VAL A 794 -34.71 23.29 -15.50
C VAL A 794 -33.68 24.12 -14.74
N GLY A 795 -33.19 23.58 -13.62
CA GLY A 795 -32.18 24.29 -12.85
C GLY A 795 -30.91 24.51 -13.64
N ASN A 796 -30.44 23.48 -14.33
CA ASN A 796 -29.21 23.64 -15.09
C ASN A 796 -29.41 24.53 -16.31
N LEU A 797 -30.62 24.57 -16.86
CA LEU A 797 -30.94 25.53 -17.91
C LEU A 797 -30.88 26.96 -17.38
N VAL A 798 -31.41 27.18 -16.18
CA VAL A 798 -31.30 28.49 -15.54
C VAL A 798 -29.84 28.86 -15.33
N PHE A 799 -29.03 27.89 -14.89
CA PHE A 799 -27.61 28.15 -14.73
C PHE A 799 -26.95 28.53 -16.05
N THR A 800 -27.31 27.83 -17.13
CA THR A 800 -26.80 28.18 -18.45
C THR A 800 -27.20 29.60 -18.84
N GLY A 801 -28.44 29.96 -18.57
CA GLY A 801 -28.87 31.33 -18.83
C GLY A 801 -28.05 32.35 -18.06
N ILE A 802 -27.79 32.07 -16.78
CA ILE A 802 -26.97 32.97 -15.98
C ILE A 802 -25.57 33.10 -16.57
N PHE A 803 -25.00 31.97 -17.00
CA PHE A 803 -23.64 32.00 -17.51
C PHE A 803 -23.55 32.71 -18.86
N THR A 804 -24.54 32.55 -19.73
CA THR A 804 -24.51 33.25 -21.00
C THR A 804 -24.79 34.74 -20.82
N ALA A 805 -25.62 35.09 -19.83
CA ALA A 805 -25.80 36.50 -19.50
C ALA A 805 -24.50 37.11 -19.02
N GLU A 806 -23.76 36.40 -18.16
CA GLU A 806 -22.44 36.87 -17.75
C GLU A 806 -21.51 36.99 -18.96
N MET A 807 -21.55 36.01 -19.86
CA MET A 807 -20.70 36.04 -21.05
C MET A 807 -20.93 37.32 -21.86
N THR A 808 -22.20 37.61 -22.18
CA THR A 808 -22.50 38.79 -22.99
C THR A 808 -22.20 40.07 -22.21
N PHE A 809 -22.62 40.15 -20.95
CA PHE A 809 -22.41 41.36 -20.17
C PHE A 809 -20.97 41.58 -19.78
N LYS A 810 -20.08 40.61 -20.01
CA LYS A 810 -18.66 40.87 -19.86
C LYS A 810 -17.96 41.11 -21.19
N ILE A 811 -18.44 40.50 -22.28
CA ILE A 811 -17.84 40.77 -23.58
C ILE A 811 -18.31 42.12 -24.12
N ILE A 812 -19.33 42.72 -23.50
CA ILE A 812 -19.66 44.10 -23.82
C ILE A 812 -18.60 45.06 -23.28
N ALA A 813 -17.84 44.64 -22.26
CA ALA A 813 -16.88 45.54 -21.62
C ALA A 813 -15.83 46.05 -22.60
N LEU A 814 -15.02 45.16 -23.14
CA LEU A 814 -13.85 45.56 -23.91
C LEU A 814 -13.79 44.80 -25.23
N ASP A 815 -12.86 45.24 -26.07
CA ASP A 815 -12.58 44.55 -27.32
C ASP A 815 -11.90 43.21 -27.03
N PRO A 816 -12.12 42.20 -27.88
CA PRO A 816 -11.42 40.93 -27.71
C PRO A 816 -9.90 41.04 -27.80
N TYR A 817 -9.36 42.21 -28.18
CA TYR A 817 -7.92 42.41 -28.11
C TYR A 817 -7.40 42.17 -26.69
N TYR A 818 -8.16 42.63 -25.69
CA TYR A 818 -7.80 42.43 -24.29
C TYR A 818 -8.74 41.49 -23.55
N TYR A 819 -10.03 41.50 -23.91
CA TYR A 819 -10.99 40.65 -23.22
C TYR A 819 -10.70 39.16 -23.41
N PHE A 820 -9.91 38.80 -24.42
CA PHE A 820 -9.54 37.41 -24.68
C PHE A 820 -8.12 37.10 -24.19
N GLN A 821 -7.71 37.68 -23.07
CA GLN A 821 -6.37 37.49 -22.53
C GLN A 821 -6.45 37.00 -21.09
N GLN A 822 -5.29 36.96 -20.43
CA GLN A 822 -5.04 36.57 -19.05
C GLN A 822 -5.11 35.05 -18.87
N GLY A 823 -5.47 34.29 -19.89
CA GLY A 823 -5.50 32.84 -19.78
C GLY A 823 -6.66 32.26 -19.01
N TRP A 824 -7.57 33.09 -18.50
CA TRP A 824 -8.75 32.61 -17.80
C TRP A 824 -10.04 32.86 -18.54
N ASN A 825 -10.16 33.98 -19.25
CA ASN A 825 -11.36 34.29 -20.01
C ASN A 825 -11.55 33.34 -21.19
N ILE A 826 -10.46 32.95 -21.83
CA ILE A 826 -10.56 31.99 -22.93
C ILE A 826 -11.13 30.67 -22.43
N PHE A 827 -10.69 30.22 -21.26
CA PHE A 827 -11.21 28.99 -20.68
C PHE A 827 -12.72 29.09 -20.41
N ASP A 828 -13.14 30.20 -19.80
CA ASP A 828 -14.57 30.41 -19.56
C ASP A 828 -15.36 30.42 -20.86
N SER A 829 -14.81 31.06 -21.89
CA SER A 829 -15.52 31.13 -23.17
C SER A 829 -15.66 29.75 -23.79
N ILE A 830 -14.59 28.94 -23.74
CA ILE A 830 -14.70 27.57 -24.22
C ILE A 830 -15.77 26.81 -23.47
N ILE A 831 -15.83 27.01 -22.14
CA ILE A 831 -16.86 26.33 -21.35
C ILE A 831 -18.25 26.74 -21.80
N VAL A 832 -18.47 28.04 -21.99
CA VAL A 832 -19.79 28.52 -22.37
C VAL A 832 -20.18 28.00 -23.75
N ILE A 833 -19.25 28.01 -24.71
CA ILE A 833 -19.62 27.56 -26.04
C ILE A 833 -19.86 26.07 -26.06
N LEU A 834 -19.07 25.30 -25.29
CA LEU A 834 -19.32 23.86 -25.19
C LEU A 834 -20.70 23.58 -24.62
N SER A 835 -21.04 24.25 -23.51
CA SER A 835 -22.35 24.06 -22.91
C SER A 835 -23.47 24.43 -23.87
N LEU A 836 -23.32 25.57 -24.55
CA LEU A 836 -24.35 26.01 -25.48
C LEU A 836 -24.54 25.02 -26.61
N MET A 837 -23.43 24.52 -27.17
CA MET A 837 -23.54 23.58 -28.27
C MET A 837 -24.16 22.26 -27.81
N GLU A 838 -23.76 21.77 -26.64
CA GLU A 838 -24.31 20.48 -26.19
C GLU A 838 -25.79 20.60 -25.86
N LEU A 839 -26.22 21.74 -25.32
CA LEU A 839 -27.66 21.89 -25.06
C LEU A 839 -28.43 22.10 -26.35
N GLY A 840 -27.84 22.78 -27.34
CA GLY A 840 -28.47 22.87 -28.64
C GLY A 840 -28.58 21.52 -29.34
N LEU A 841 -27.67 20.61 -29.01
CA LEU A 841 -27.69 19.24 -29.53
C LEU A 841 -28.64 18.33 -28.74
N SER A 842 -29.59 18.93 -28.01
CA SER A 842 -30.53 18.17 -27.19
C SER A 842 -31.22 17.05 -27.98
N ARG A 843 -31.73 17.37 -29.16
CA ARG A 843 -32.45 16.39 -29.99
C ARG A 843 -31.43 15.45 -30.60
N MET A 844 -30.87 14.57 -29.77
CA MET A 844 -29.92 13.55 -30.20
C MET A 844 -29.74 12.59 -29.03
N SER A 845 -28.84 11.63 -29.20
CA SER A 845 -28.55 10.62 -28.18
C SER A 845 -27.19 10.93 -27.58
N ASN A 846 -27.20 11.49 -26.37
CA ASN A 846 -25.96 11.79 -25.65
C ASN A 846 -26.24 11.96 -24.16
N LEU A 847 -25.67 11.09 -23.33
CA LEU A 847 -25.83 11.23 -21.89
C LEU A 847 -24.49 11.12 -21.18
N SER A 848 -23.63 10.22 -21.64
CA SER A 848 -22.36 9.99 -20.97
C SER A 848 -21.36 11.12 -20.98
N VAL A 849 -21.11 11.68 -22.16
CA VAL A 849 -20.16 12.80 -22.25
C VAL A 849 -20.91 14.09 -22.44
N LEU A 850 -22.23 14.03 -22.47
CA LEU A 850 -22.96 15.26 -22.59
C LEU A 850 -22.68 16.05 -21.34
N ARG A 851 -22.85 15.39 -20.20
CA ARG A 851 -22.67 16.03 -18.90
C ARG A 851 -21.25 16.53 -18.70
N SER A 852 -20.26 15.75 -19.13
CA SER A 852 -18.89 16.20 -18.95
C SER A 852 -18.65 17.58 -19.56
N PHE A 853 -19.41 17.93 -20.60
CA PHE A 853 -19.34 19.28 -21.15
C PHE A 853 -19.93 20.32 -20.21
N ARG A 854 -20.73 19.88 -19.24
CA ARG A 854 -21.20 20.74 -18.15
C ARG A 854 -20.40 20.55 -16.88
N LEU A 855 -19.72 19.41 -16.75
CA LEU A 855 -19.02 19.09 -15.50
C LEU A 855 -17.83 20.01 -15.25
N LEU A 856 -17.16 20.46 -16.31
CA LEU A 856 -15.90 21.18 -16.12
C LEU A 856 -16.10 22.60 -15.66
N ARG A 857 -17.34 23.05 -15.45
CA ARG A 857 -17.57 24.34 -14.82
C ARG A 857 -16.96 24.41 -13.43
N VAL A 858 -16.82 23.26 -12.75
CA VAL A 858 -16.24 23.23 -11.42
C VAL A 858 -14.86 23.86 -11.40
N PHE A 859 -14.11 23.73 -12.49
CA PHE A 859 -12.76 24.27 -12.53
C PHE A 859 -12.74 25.79 -12.48
N LYS A 860 -13.88 26.45 -12.69
CA LYS A 860 -13.92 27.91 -12.66
C LYS A 860 -13.44 28.45 -11.33
N LEU A 861 -13.95 27.90 -10.22
CA LEU A 861 -13.64 28.42 -8.90
C LEU A 861 -12.19 28.20 -8.49
N ALA A 862 -11.36 27.64 -9.38
CA ALA A 862 -9.93 27.53 -9.11
C ALA A 862 -9.22 28.87 -9.16
N LYS A 863 -9.90 29.93 -9.59
CA LYS A 863 -9.23 31.22 -9.74
C LYS A 863 -8.92 31.84 -8.38
N SER A 864 -9.94 32.07 -7.56
CA SER A 864 -9.77 32.70 -6.26
C SER A 864 -9.67 31.64 -5.15
N TRP A 865 -8.68 30.76 -5.31
CA TRP A 865 -8.43 29.76 -4.29
C TRP A 865 -6.93 29.46 -4.20
N PRO A 866 -6.30 29.77 -3.06
CA PRO A 866 -4.85 29.57 -2.95
C PRO A 866 -4.42 28.11 -2.89
N THR A 867 -5.36 27.19 -3.06
CA THR A 867 -5.04 25.76 -3.03
C THR A 867 -5.28 25.07 -4.35
N LEU A 868 -6.39 25.35 -5.02
CA LEU A 868 -6.56 24.86 -6.38
C LEU A 868 -5.51 25.46 -7.31
N ASN A 869 -5.02 26.66 -6.99
CA ASN A 869 -3.89 27.21 -7.71
C ASN A 869 -2.68 26.30 -7.60
N THR A 870 -2.38 25.82 -6.39
CA THR A 870 -1.26 24.91 -6.20
C THR A 870 -1.48 23.59 -6.92
N LEU A 871 -2.70 23.05 -6.84
CA LEU A 871 -2.98 21.77 -7.49
C LEU A 871 -2.84 21.88 -9.00
N ILE A 872 -3.37 22.94 -9.60
CA ILE A 872 -3.24 23.10 -11.05
C ILE A 872 -1.81 23.47 -11.42
N LYS A 873 -1.06 24.14 -10.54
CA LYS A 873 0.37 24.34 -10.72
C LYS A 873 1.11 23.02 -10.77
N ILE A 874 0.70 22.04 -9.98
CA ILE A 874 1.29 20.71 -9.99
C ILE A 874 0.96 19.95 -11.28
N ILE A 875 -0.32 19.99 -11.68
CA ILE A 875 -0.70 19.28 -12.91
C ILE A 875 -0.01 19.89 -14.13
N GLY A 876 0.06 21.23 -14.18
CA GLY A 876 0.75 21.87 -15.29
C GLY A 876 2.23 21.57 -15.31
N ASN A 877 2.87 21.59 -14.14
CA ASN A 877 4.28 21.20 -14.06
C ASN A 877 4.46 19.75 -14.50
N SER A 878 3.47 18.90 -14.24
CA SER A 878 3.53 17.51 -14.68
C SER A 878 3.46 17.39 -16.19
N VAL A 879 2.53 18.09 -16.82
CA VAL A 879 2.37 17.96 -18.27
C VAL A 879 3.24 18.94 -19.04
N GLY A 880 3.49 20.13 -18.49
CA GLY A 880 4.20 21.15 -19.24
C GLY A 880 5.70 21.17 -19.06
N ALA A 881 6.18 21.24 -17.81
CA ALA A 881 7.61 21.36 -17.55
C ALA A 881 8.27 20.00 -17.34
N LEU A 882 7.82 19.24 -16.36
CA LEU A 882 8.30 17.87 -16.17
C LEU A 882 7.42 16.88 -16.92
N GLY A 883 7.20 17.17 -18.19
CA GLY A 883 6.52 16.28 -19.10
C GLY A 883 7.43 15.31 -19.81
N ASN A 884 8.70 15.28 -19.43
CA ASN A 884 9.67 14.35 -20.01
C ASN A 884 9.72 13.03 -19.22
N LEU A 885 9.69 13.11 -17.89
CA LEU A 885 9.75 11.89 -17.10
C LEU A 885 8.47 11.07 -17.25
N THR A 886 7.32 11.75 -17.38
CA THR A 886 6.09 11.01 -17.67
C THR A 886 6.12 10.37 -19.05
N LEU A 887 6.80 11.00 -20.00
CA LEU A 887 6.95 10.38 -21.32
C LEU A 887 7.86 9.17 -21.25
N VAL A 888 8.93 9.27 -20.46
CA VAL A 888 9.78 8.11 -20.20
C VAL A 888 8.96 6.98 -19.60
N LEU A 889 8.07 7.32 -18.66
CA LEU A 889 7.21 6.30 -18.05
C LEU A 889 6.30 5.66 -19.07
N ALA A 890 5.71 6.47 -19.96
CA ALA A 890 4.83 5.90 -20.99
C ALA A 890 5.62 5.00 -21.94
N ILE A 891 6.83 5.42 -22.30
CA ILE A 891 7.68 4.59 -23.16
C ILE A 891 7.98 3.26 -22.49
N ILE A 892 8.33 3.30 -21.20
CA ILE A 892 8.67 2.08 -20.49
C ILE A 892 7.46 1.15 -20.38
N VAL A 893 6.29 1.73 -20.10
CA VAL A 893 5.08 0.92 -20.01
C VAL A 893 4.77 0.27 -21.35
N PHE A 894 4.90 1.03 -22.44
CA PHE A 894 4.66 0.47 -23.76
C PHE A 894 5.64 -0.65 -24.07
N ILE A 895 6.93 -0.41 -23.81
CA ILE A 895 7.96 -1.40 -24.08
C ILE A 895 7.66 -2.70 -23.33
N PHE A 896 7.37 -2.59 -22.03
CA PHE A 896 7.12 -3.80 -21.26
C PHE A 896 5.82 -4.48 -21.66
N ALA A 897 4.80 -3.71 -22.03
CA ALA A 897 3.54 -4.31 -22.46
C ALA A 897 3.72 -5.09 -23.76
N VAL A 898 4.47 -4.53 -24.71
CA VAL A 898 4.63 -5.24 -25.98
C VAL A 898 5.63 -6.39 -25.83
N VAL A 899 6.62 -6.28 -24.94
CA VAL A 899 7.49 -7.42 -24.65
C VAL A 899 6.67 -8.56 -24.07
N GLY A 900 5.84 -8.26 -23.06
CA GLY A 900 4.97 -9.27 -22.50
C GLY A 900 4.05 -9.88 -23.53
N MET A 901 3.48 -9.06 -24.41
CA MET A 901 2.63 -9.60 -25.46
C MET A 901 3.40 -10.57 -26.36
N GLN A 902 4.52 -10.11 -26.92
CA GLN A 902 5.29 -10.94 -27.86
C GLN A 902 5.71 -12.25 -27.20
N LEU A 903 6.14 -12.20 -25.94
CA LEU A 903 6.58 -13.41 -25.28
C LEU A 903 5.41 -14.32 -24.95
N PHE A 904 4.42 -13.83 -24.20
CA PHE A 904 3.41 -14.67 -23.57
C PHE A 904 2.05 -14.57 -24.26
N GLY A 905 2.01 -14.29 -25.57
CA GLY A 905 0.72 -14.18 -26.22
C GLY A 905 -0.03 -15.49 -26.33
N LYS A 906 0.53 -16.42 -27.11
CA LYS A 906 -0.24 -17.62 -27.48
C LYS A 906 -0.42 -18.56 -26.30
N ASN A 907 0.42 -18.44 -25.27
CA ASN A 907 0.37 -19.35 -24.14
C ASN A 907 -1.01 -19.33 -23.48
N TYR A 908 -1.51 -18.14 -23.17
CA TYR A 908 -2.80 -17.99 -22.51
C TYR A 908 -3.93 -18.62 -23.32
N SER A 909 -3.85 -18.48 -24.65
CA SER A 909 -4.97 -18.69 -25.55
C SER A 909 -5.73 -19.98 -25.32
N GLU A 910 -5.07 -21.12 -25.50
CA GLU A 910 -5.75 -22.40 -25.34
C GLU A 910 -5.56 -22.98 -23.94
N LEU A 911 -4.58 -22.49 -23.19
CA LEU A 911 -4.28 -23.03 -21.88
C LEU A 911 -5.15 -22.46 -20.77
N ARG A 912 -5.87 -21.36 -21.01
CA ARG A 912 -6.47 -20.63 -19.90
C ARG A 912 -7.98 -20.55 -19.90
N ASP A 913 -8.62 -20.32 -21.05
CA ASP A 913 -9.92 -19.66 -21.00
C ASP A 913 -10.97 -20.42 -20.22
N SER A 914 -11.49 -21.52 -20.76
CA SER A 914 -12.53 -22.30 -20.09
C SER A 914 -12.92 -23.45 -21.01
N ASP A 915 -13.81 -24.31 -20.50
CA ASP A 915 -14.61 -25.13 -21.40
C ASP A 915 -15.65 -24.29 -22.11
N SER A 916 -16.11 -23.20 -21.47
CA SER A 916 -17.02 -22.27 -22.13
C SER A 916 -16.27 -21.36 -23.09
N GLY A 917 -14.99 -21.10 -22.84
CA GLY A 917 -14.14 -20.40 -23.77
C GLY A 917 -13.81 -18.96 -23.46
N LEU A 918 -14.03 -18.51 -22.22
CA LEU A 918 -13.81 -17.11 -21.84
C LEU A 918 -12.47 -16.97 -21.15
N LEU A 919 -11.59 -16.14 -21.72
CA LEU A 919 -10.23 -15.93 -21.23
C LEU A 919 -10.25 -15.38 -19.81
N PRO A 920 -9.11 -15.37 -19.11
CA PRO A 920 -9.07 -14.76 -17.77
C PRO A 920 -9.34 -13.27 -17.80
N ARG A 921 -9.39 -12.65 -16.62
CA ARG A 921 -9.56 -11.21 -16.55
C ARG A 921 -8.28 -10.47 -16.89
N TRP A 922 -7.12 -11.09 -16.73
CA TRP A 922 -5.83 -10.44 -16.98
C TRP A 922 -4.97 -11.37 -17.82
N HIS A 923 -4.87 -11.07 -19.12
CA HIS A 923 -3.99 -11.81 -20.01
C HIS A 923 -3.16 -10.85 -20.84
N MET A 924 -2.43 -11.37 -21.83
CA MET A 924 -1.52 -10.54 -22.64
C MET A 924 -1.67 -10.89 -24.12
N MET A 925 -2.90 -10.97 -24.60
CA MET A 925 -3.16 -11.29 -26.00
C MET A 925 -3.70 -10.12 -26.81
N ASP A 926 -3.72 -8.91 -26.25
CA ASP A 926 -4.32 -7.76 -26.92
C ASP A 926 -3.42 -6.53 -26.97
N PHE A 927 -2.48 -6.37 -26.03
CA PHE A 927 -1.71 -5.16 -25.74
C PHE A 927 -2.56 -4.12 -25.02
N PHE A 928 -3.87 -4.32 -24.97
CA PHE A 928 -4.61 -3.50 -24.02
C PHE A 928 -4.63 -4.18 -22.66
N HIS A 929 -4.91 -5.48 -22.64
CA HIS A 929 -4.80 -6.23 -21.40
C HIS A 929 -3.36 -6.33 -20.94
N ALA A 930 -2.40 -6.37 -21.86
CA ALA A 930 -0.99 -6.32 -21.48
C ALA A 930 -0.66 -4.99 -20.81
N PHE A 931 -1.14 -3.89 -21.39
CA PHE A 931 -0.95 -2.59 -20.78
C PHE A 931 -1.62 -2.53 -19.41
N LEU A 932 -2.80 -3.12 -19.29
CA LEU A 932 -3.49 -3.13 -18.00
C LEU A 932 -2.70 -3.91 -16.96
N ILE A 933 -2.10 -5.02 -17.36
CA ILE A 933 -1.32 -5.81 -16.41
C ILE A 933 -0.07 -5.05 -15.99
N ILE A 934 0.56 -4.35 -16.92
CA ILE A 934 1.72 -3.54 -16.54
C ILE A 934 1.30 -2.40 -15.61
N PHE A 935 0.13 -1.81 -15.88
CA PHE A 935 -0.39 -0.78 -15.00
C PHE A 935 -0.64 -1.33 -13.60
N ARG A 936 -1.25 -2.52 -13.52
CA ARG A 936 -1.53 -3.13 -12.23
C ARG A 936 -0.24 -3.44 -11.47
N ILE A 937 0.81 -3.85 -12.20
CA ILE A 937 2.10 -4.04 -11.57
C ILE A 937 2.64 -2.72 -11.05
N LEU A 938 2.37 -1.62 -11.76
CA LEU A 938 2.75 -0.31 -11.26
C LEU A 938 1.98 0.03 -9.98
N CYS A 939 0.71 -0.38 -9.91
CA CYS A 939 -0.07 -0.12 -8.72
C CYS A 939 0.43 -0.93 -7.52
N GLY A 940 0.96 -2.13 -7.76
CA GLY A 940 1.49 -2.96 -6.71
C GLY A 940 1.00 -4.39 -6.70
N GLU A 941 -0.02 -4.74 -7.50
CA GLU A 941 -0.60 -6.08 -7.50
C GLU A 941 0.01 -6.88 -8.63
N TRP A 942 1.18 -7.48 -8.36
CA TRP A 942 1.97 -8.14 -9.38
C TRP A 942 2.11 -9.64 -9.18
N ILE A 943 1.43 -10.23 -8.20
CA ILE A 943 1.76 -11.61 -7.84
C ILE A 943 0.68 -12.57 -8.32
N GLU A 944 -0.59 -12.14 -8.33
CA GLU A 944 -1.63 -13.01 -8.86
C GLU A 944 -1.44 -13.24 -10.35
N THR A 945 -1.16 -12.16 -11.10
CA THR A 945 -0.80 -12.29 -12.50
C THR A 945 0.47 -13.11 -12.66
N MET A 946 1.40 -12.96 -11.72
CA MET A 946 2.66 -13.71 -11.80
C MET A 946 2.40 -15.21 -11.70
N TRP A 947 1.49 -15.62 -10.82
CA TRP A 947 1.13 -17.04 -10.74
C TRP A 947 0.41 -17.49 -12.00
N ASP A 948 -0.60 -16.72 -12.41
CA ASP A 948 -1.34 -17.04 -13.63
C ASP A 948 -0.42 -17.24 -14.82
N CYS A 949 0.67 -16.49 -14.88
CA CYS A 949 1.66 -16.58 -15.94
C CYS A 949 2.66 -17.70 -15.74
N MET A 950 3.18 -17.87 -14.52
CA MET A 950 4.13 -18.92 -14.24
C MET A 950 3.55 -20.30 -14.53
N GLU A 951 2.25 -20.49 -14.29
CA GLU A 951 1.70 -21.81 -14.47
C GLU A 951 1.51 -22.19 -15.94
N VAL A 952 1.76 -21.29 -16.87
CA VAL A 952 1.64 -21.60 -18.29
C VAL A 952 2.96 -21.43 -19.03
N SER A 953 3.74 -20.40 -18.68
CA SER A 953 4.87 -19.98 -19.48
C SER A 953 6.21 -20.13 -18.77
N GLY A 954 6.33 -21.07 -17.84
CA GLY A 954 7.61 -21.31 -17.22
C GLY A 954 8.00 -20.27 -16.20
N GLN A 955 8.75 -20.67 -15.18
CA GLN A 955 9.03 -19.77 -14.07
C GLN A 955 10.15 -18.78 -14.39
N SER A 956 11.10 -19.15 -15.23
CA SER A 956 12.30 -18.33 -15.40
C SER A 956 11.96 -16.99 -16.05
N LEU A 957 11.45 -17.02 -17.28
CA LEU A 957 11.11 -15.77 -17.97
C LEU A 957 9.99 -15.03 -17.27
N CYS A 958 8.94 -15.76 -16.86
CA CYS A 958 7.81 -15.12 -16.22
C CYS A 958 8.19 -14.48 -14.90
N LEU A 959 9.28 -14.93 -14.28
CA LEU A 959 9.73 -14.31 -13.04
C LEU A 959 10.63 -13.12 -13.35
N LEU A 960 11.55 -13.28 -14.30
CA LEU A 960 12.45 -12.19 -14.65
C LEU A 960 11.68 -10.97 -15.13
N VAL A 961 10.69 -11.18 -16.01
CA VAL A 961 9.94 -10.07 -16.57
C VAL A 961 9.16 -9.35 -15.48
N PHE A 962 8.39 -10.10 -14.68
CA PHE A 962 7.56 -9.47 -13.66
C PHE A 962 8.36 -8.90 -12.50
N LEU A 963 9.61 -9.29 -12.33
CA LEU A 963 10.43 -8.62 -11.34
C LEU A 963 11.10 -7.38 -11.89
N LEU A 964 11.50 -7.40 -13.17
CA LEU A 964 12.07 -6.20 -13.78
C LEU A 964 11.03 -5.10 -13.88
N VAL A 965 9.82 -5.44 -14.34
CA VAL A 965 8.75 -4.45 -14.39
C VAL A 965 8.52 -3.84 -13.02
N MET A 966 8.33 -4.69 -12.01
CA MET A 966 8.11 -4.21 -10.65
C MET A 966 9.20 -3.23 -10.23
N VAL A 967 10.46 -3.69 -10.24
CA VAL A 967 11.57 -2.87 -9.75
C VAL A 967 11.64 -1.56 -10.51
N ILE A 968 11.79 -1.62 -11.83
CA ILE A 968 12.07 -0.42 -12.61
C ILE A 968 10.86 0.52 -12.59
N GLY A 969 9.66 0.00 -12.82
CA GLY A 969 8.48 0.84 -12.82
C GLY A 969 8.23 1.52 -11.50
N ASN A 970 8.34 0.77 -10.39
CA ASN A 970 8.13 1.42 -9.10
C ASN A 970 9.22 2.42 -8.80
N LEU A 971 10.46 2.15 -9.23
CA LEU A 971 11.54 3.12 -9.03
C LEU A 971 11.24 4.42 -9.77
N VAL A 972 10.83 4.32 -11.04
CA VAL A 972 10.61 5.53 -11.82
C VAL A 972 9.36 6.27 -11.33
N VAL A 973 8.33 5.52 -10.89
CA VAL A 973 7.14 6.15 -10.32
C VAL A 973 7.50 6.92 -9.07
N LEU A 974 8.28 6.29 -8.18
CA LEU A 974 8.75 6.95 -6.97
C LEU A 974 9.56 8.20 -7.31
N ASN A 975 10.40 8.13 -8.34
CA ASN A 975 11.21 9.27 -8.72
C ASN A 975 10.35 10.41 -9.26
N LEU A 976 9.34 10.09 -10.06
CA LEU A 976 8.39 11.10 -10.53
C LEU A 976 7.68 11.76 -9.34
N PHE A 977 7.26 10.94 -8.38
CA PHE A 977 6.60 11.44 -7.18
C PHE A 977 7.48 12.47 -6.47
N LEU A 978 8.72 12.08 -6.16
CA LEU A 978 9.62 12.99 -5.45
C LEU A 978 9.93 14.22 -6.29
N ALA A 979 10.10 14.05 -7.60
CA ALA A 979 10.36 15.17 -8.49
C ALA A 979 9.28 16.22 -8.39
N LEU A 980 8.04 15.84 -8.64
CA LEU A 980 6.94 16.80 -8.61
C LEU A 980 6.75 17.36 -7.21
N LEU A 981 6.82 16.51 -6.18
CA LEU A 981 6.68 16.96 -4.80
C LEU A 981 7.68 18.09 -4.51
N LEU A 982 8.97 17.80 -4.65
CA LEU A 982 9.99 18.79 -4.32
C LEU A 982 9.88 20.02 -5.22
N SER A 983 9.56 19.83 -6.49
CA SER A 983 9.54 20.94 -7.43
C SER A 983 8.44 21.94 -7.08
N SER A 984 7.24 21.44 -6.81
CA SER A 984 6.16 22.35 -6.44
C SER A 984 6.19 22.75 -4.97
N PHE A 985 7.00 22.08 -4.15
CA PHE A 985 7.15 22.44 -2.75
C PHE A 985 8.16 23.56 -2.55
N SER A 986 9.41 23.34 -2.96
CA SER A 986 10.46 24.32 -2.69
C SER A 986 10.27 25.60 -3.50
N ALA A 987 9.47 25.56 -4.56
CA ALA A 987 9.20 26.75 -5.36
C ALA A 987 7.96 27.48 -4.83
N GLY A 1231 -14.79 31.67 55.86
CA GLY A 1231 -14.07 32.92 55.83
C GLY A 1231 -12.73 32.83 55.13
N LYS A 1232 -11.66 32.89 55.91
CA LYS A 1232 -10.30 32.81 55.37
C LYS A 1232 -9.75 31.38 55.37
N VAL A 1233 -10.50 30.42 55.93
CA VAL A 1233 -10.09 29.02 55.87
C VAL A 1233 -10.33 28.41 54.51
N TRP A 1234 -11.12 29.07 53.67
CA TRP A 1234 -11.32 28.60 52.30
C TRP A 1234 -10.00 28.56 51.53
N TRP A 1235 -9.20 29.62 51.64
CA TRP A 1235 -7.91 29.67 50.95
C TRP A 1235 -6.89 28.72 51.56
N ARG A 1236 -7.12 28.27 52.80
CA ARG A 1236 -6.29 27.21 53.36
C ARG A 1236 -6.70 25.85 52.82
N LEU A 1237 -8.00 25.58 52.74
CA LEU A 1237 -8.48 24.30 52.23
C LEU A 1237 -8.16 24.15 50.75
N ARG A 1238 -8.20 25.25 50.00
CA ARG A 1238 -7.86 25.19 48.58
C ARG A 1238 -6.42 24.74 48.38
N LYS A 1239 -5.48 25.38 49.08
CA LYS A 1239 -4.09 24.97 48.96
C LYS A 1239 -3.87 23.58 49.56
N THR A 1240 -4.66 23.19 50.56
CA THR A 1240 -4.51 21.85 51.13
C THR A 1240 -4.95 20.77 50.16
N CYS A 1241 -6.04 21.00 49.41
CA CYS A 1241 -6.48 20.04 48.41
C CYS A 1241 -5.74 20.17 47.09
N TYR A 1242 -4.94 21.22 46.92
CA TYR A 1242 -4.01 21.29 45.81
C TYR A 1242 -2.65 20.68 46.13
N HIS A 1243 -2.31 20.61 47.43
CA HIS A 1243 -1.06 19.98 47.83
C HIS A 1243 -0.99 18.52 47.42
N ILE A 1244 -2.15 17.85 47.34
CA ILE A 1244 -2.12 16.44 46.95
C ILE A 1244 -2.00 16.29 45.45
N VAL A 1245 -2.60 17.21 44.68
CA VAL A 1245 -2.38 17.21 43.23
C VAL A 1245 -0.92 17.50 42.93
N GLU A 1246 -0.26 18.28 43.78
CA GLU A 1246 1.19 18.45 43.64
C GLU A 1246 1.92 17.13 43.76
N HIS A 1247 1.53 16.29 44.73
CA HIS A 1247 2.25 15.06 45.02
C HIS A 1247 2.18 14.11 43.83
N SER A 1248 3.34 13.71 43.32
CA SER A 1248 3.40 12.82 42.17
C SER A 1248 2.71 11.49 42.43
N TRP A 1249 2.69 11.04 43.69
CA TRP A 1249 2.04 9.78 44.02
C TRP A 1249 0.58 9.78 43.60
N PHE A 1250 -0.08 10.94 43.70
CA PHE A 1250 -1.48 11.03 43.30
C PHE A 1250 -1.62 10.79 41.80
N GLU A 1251 -0.77 11.41 40.99
CA GLU A 1251 -0.84 11.22 39.55
C GLU A 1251 -0.49 9.79 39.17
N THR A 1252 0.45 9.18 39.89
CA THR A 1252 0.77 7.77 39.62
C THR A 1252 -0.42 6.88 39.94
N PHE A 1253 -1.08 7.12 41.07
CA PHE A 1253 -2.28 6.37 41.41
C PHE A 1253 -3.35 6.54 40.33
N ILE A 1254 -3.51 7.76 39.81
CA ILE A 1254 -4.52 7.99 38.79
C ILE A 1254 -4.16 7.28 37.49
N ILE A 1255 -2.88 7.30 37.12
CA ILE A 1255 -2.44 6.59 35.93
C ILE A 1255 -2.72 5.11 36.06
N PHE A 1256 -2.43 4.54 37.24
CA PHE A 1256 -2.69 3.12 37.45
C PHE A 1256 -4.17 2.81 37.39
N MET A 1257 -5.00 3.66 37.98
CA MET A 1257 -6.44 3.46 37.93
C MET A 1257 -6.97 3.58 36.50
N ILE A 1258 -6.37 4.46 35.69
CA ILE A 1258 -6.79 4.61 34.30
C ILE A 1258 -6.40 3.38 33.49
N LEU A 1259 -5.19 2.86 33.73
CA LEU A 1259 -4.79 1.62 33.09
C LEU A 1259 -5.75 0.48 33.44
N LEU A 1260 -6.16 0.40 34.71
CA LEU A 1260 -7.11 -0.64 35.11
C LEU A 1260 -8.46 -0.44 34.42
N SER A 1261 -8.95 0.80 34.40
CA SER A 1261 -10.26 1.06 33.80
C SER A 1261 -10.25 0.82 32.30
N SER A 1262 -9.10 0.98 31.65
CA SER A 1262 -9.01 0.69 30.23
C SER A 1262 -8.90 -0.81 29.98
N GLY A 1263 -8.06 -1.50 30.76
CA GLY A 1263 -7.95 -2.93 30.60
C GLY A 1263 -9.26 -3.66 30.87
N ALA A 1264 -10.02 -3.19 31.86
CA ALA A 1264 -11.28 -3.83 32.20
C ALA A 1264 -12.29 -3.82 31.06
N LEU A 1265 -12.01 -3.07 29.99
CA LEU A 1265 -12.88 -3.09 28.82
C LEU A 1265 -12.61 -4.29 27.92
N ALA A 1266 -11.39 -4.82 27.95
CA ALA A 1266 -11.04 -5.93 27.08
C ALA A 1266 -11.91 -7.15 27.33
N PHE A 1267 -12.38 -7.33 28.56
CA PHE A 1267 -13.15 -8.52 28.92
C PHE A 1267 -14.59 -8.45 28.46
N GLU A 1268 -15.03 -7.37 27.84
CA GLU A 1268 -16.39 -7.26 27.32
C GLU A 1268 -16.46 -7.94 25.96
N ASP A 1269 -16.41 -9.26 25.98
CA ASP A 1269 -16.54 -10.06 24.77
C ASP A 1269 -17.77 -10.95 24.88
N ILE A 1270 -17.95 -11.88 23.93
CA ILE A 1270 -19.17 -12.68 23.91
C ILE A 1270 -19.15 -13.84 24.89
N TYR A 1271 -18.05 -14.05 25.62
CA TYR A 1271 -17.98 -15.06 26.66
C TYR A 1271 -18.23 -14.50 28.04
N LEU A 1272 -18.71 -13.27 28.15
CA LEU A 1272 -18.90 -12.64 29.45
C LEU A 1272 -20.22 -13.03 30.09
N GLU A 1273 -21.28 -13.16 29.31
CA GLU A 1273 -22.58 -13.55 29.86
C GLU A 1273 -22.50 -14.91 30.55
N GLU A 1274 -21.68 -15.82 30.02
CA GLU A 1274 -21.60 -17.16 30.56
C GLU A 1274 -20.53 -17.33 31.63
N ARG A 1275 -19.67 -16.32 31.83
CA ARG A 1275 -18.73 -16.38 32.95
C ARG A 1275 -19.45 -16.21 34.27
N LYS A 1276 -20.32 -15.20 34.36
CA LYS A 1276 -21.35 -15.11 35.40
C LYS A 1276 -20.74 -14.78 36.77
N THR A 1277 -19.42 -14.76 36.86
CA THR A 1277 -18.73 -14.41 38.09
C THR A 1277 -17.97 -13.09 37.99
N ILE A 1278 -17.17 -12.90 36.94
CA ILE A 1278 -16.48 -11.63 36.74
C ILE A 1278 -17.42 -10.55 36.24
N LYS A 1279 -18.63 -10.90 35.81
CA LYS A 1279 -19.58 -9.91 35.34
C LYS A 1279 -19.90 -8.89 36.42
N VAL A 1280 -20.31 -9.35 37.61
CA VAL A 1280 -20.65 -8.43 38.68
C VAL A 1280 -19.42 -7.72 39.20
N LEU A 1281 -18.26 -8.40 39.20
CA LEU A 1281 -17.02 -7.73 39.55
C LEU A 1281 -16.76 -6.54 38.64
N LEU A 1282 -17.00 -6.69 37.35
CA LEU A 1282 -16.84 -5.59 36.42
C LEU A 1282 -17.90 -4.51 36.57
N GLU A 1283 -19.14 -4.89 36.91
CA GLU A 1283 -20.14 -3.88 37.23
C GLU A 1283 -19.67 -2.99 38.38
N TYR A 1284 -19.24 -3.61 39.48
CA TYR A 1284 -18.81 -2.85 40.64
C TYR A 1284 -17.52 -2.08 40.35
N ALA A 1285 -16.64 -2.64 39.53
CA ALA A 1285 -15.44 -1.91 39.13
C ALA A 1285 -15.79 -0.68 38.32
N ASP A 1286 -16.79 -0.79 37.44
CA ASP A 1286 -17.26 0.37 36.69
C ASP A 1286 -17.79 1.45 37.62
N LYS A 1287 -18.63 1.05 38.59
CA LYS A 1287 -19.15 2.02 39.54
C LYS A 1287 -18.01 2.71 40.29
N MET A 1288 -17.05 1.93 40.78
CA MET A 1288 -15.94 2.50 41.53
C MET A 1288 -15.03 3.37 40.68
N PHE A 1289 -14.84 3.03 39.41
CA PHE A 1289 -14.06 3.87 38.51
C PHE A 1289 -14.74 5.21 38.29
N THR A 1290 -16.04 5.18 37.98
CA THR A 1290 -16.77 6.43 37.81
C THR A 1290 -16.70 7.28 39.07
N TYR A 1291 -16.82 6.65 40.25
CA TYR A 1291 -16.75 7.41 41.49
C TYR A 1291 -15.38 8.04 41.69
N VAL A 1292 -14.31 7.26 41.57
CA VAL A 1292 -12.97 7.79 41.80
C VAL A 1292 -12.56 8.79 40.73
N PHE A 1293 -13.23 8.80 39.58
CA PHE A 1293 -12.96 9.79 38.56
C PHE A 1293 -13.74 11.09 38.78
N VAL A 1294 -15.01 10.98 39.16
CA VAL A 1294 -15.80 12.18 39.45
C VAL A 1294 -15.24 12.89 40.67
N LEU A 1295 -14.87 12.13 41.70
CA LEU A 1295 -14.24 12.74 42.88
C LEU A 1295 -12.97 13.48 42.47
N GLU A 1296 -12.16 12.87 41.62
CA GLU A 1296 -10.89 13.47 41.23
C GLU A 1296 -11.12 14.73 40.39
N MET A 1297 -12.16 14.73 39.56
CA MET A 1297 -12.48 15.93 38.79
C MET A 1297 -12.96 17.05 39.69
N LEU A 1298 -13.86 16.75 40.63
CA LEU A 1298 -14.30 17.77 41.59
C LEU A 1298 -13.13 18.31 42.39
N LEU A 1299 -12.16 17.46 42.71
CA LEU A 1299 -10.99 17.93 43.46
C LEU A 1299 -10.11 18.82 42.60
N LYS A 1300 -9.94 18.47 41.32
CA LYS A 1300 -9.23 19.35 40.40
C LYS A 1300 -9.92 20.70 40.30
N TRP A 1301 -11.25 20.71 40.32
CA TRP A 1301 -11.99 21.97 40.36
C TRP A 1301 -11.64 22.76 41.61
N VAL A 1302 -11.86 22.15 42.78
CA VAL A 1302 -11.65 22.86 44.05
C VAL A 1302 -10.22 23.37 44.17
N ALA A 1303 -9.26 22.69 43.53
CA ALA A 1303 -7.87 23.11 43.65
C ALA A 1303 -7.40 23.97 42.47
N TYR A 1304 -8.20 24.12 41.43
CA TYR A 1304 -7.80 24.86 40.23
C TYR A 1304 -8.80 25.95 39.87
N GLY A 1305 -9.77 26.25 40.71
CA GLY A 1305 -10.79 27.22 40.35
C GLY A 1305 -11.58 26.74 39.16
N PHE A 1306 -11.89 27.66 38.25
CA PHE A 1306 -12.61 27.31 37.04
C PHE A 1306 -11.87 27.80 35.80
N LYS A 1307 -11.15 28.91 35.94
CA LYS A 1307 -10.42 29.48 34.80
C LYS A 1307 -9.35 28.52 34.30
N LYS A 1308 -8.36 28.22 35.16
CA LYS A 1308 -7.23 27.39 34.72
C LYS A 1308 -7.70 26.03 34.26
N TYR A 1309 -8.66 25.43 34.96
CA TYR A 1309 -9.19 24.14 34.51
C TYR A 1309 -9.84 24.26 33.15
N PHE A 1310 -10.93 25.03 33.05
CA PHE A 1310 -11.70 25.07 31.82
C PHE A 1310 -10.98 25.74 30.67
N THR A 1311 -9.76 26.24 30.87
CA THR A 1311 -8.97 26.76 29.76
C THR A 1311 -7.83 25.84 29.35
N ASN A 1312 -7.69 24.67 29.98
CA ASN A 1312 -6.52 23.83 29.75
C ASN A 1312 -6.67 22.99 28.49
N ALA A 1313 -7.90 22.68 28.07
CA ALA A 1313 -8.20 21.95 26.83
C ALA A 1313 -7.75 20.51 26.88
N TRP A 1314 -7.04 20.10 27.94
CA TRP A 1314 -6.82 18.69 28.21
C TRP A 1314 -7.87 18.16 29.19
N CYS A 1315 -7.92 18.75 30.38
CA CYS A 1315 -8.96 18.37 31.33
C CYS A 1315 -10.36 18.74 30.84
N TRP A 1316 -10.46 19.49 29.74
CA TRP A 1316 -11.75 19.59 29.06
C TRP A 1316 -12.19 18.25 28.51
N LEU A 1317 -11.24 17.51 27.92
CA LEU A 1317 -11.55 16.15 27.45
C LEU A 1317 -11.91 15.24 28.61
N ASP A 1318 -11.17 15.35 29.71
CA ASP A 1318 -11.48 14.55 30.89
C ASP A 1318 -12.88 14.87 31.41
N PHE A 1319 -13.25 16.16 31.43
CA PHE A 1319 -14.58 16.55 31.86
C PHE A 1319 -15.64 16.01 30.90
N LEU A 1320 -15.36 16.04 29.60
CA LEU A 1320 -16.29 15.46 28.63
C LEU A 1320 -16.52 13.98 28.91
N ILE A 1321 -15.46 13.24 29.19
CA ILE A 1321 -15.61 11.81 29.49
C ILE A 1321 -16.39 11.62 30.79
N VAL A 1322 -16.06 12.42 31.81
CA VAL A 1322 -16.77 12.31 33.08
C VAL A 1322 -18.25 12.60 32.91
N ASP A 1323 -18.60 13.47 31.95
CA ASP A 1323 -19.99 13.75 31.66
C ASP A 1323 -20.76 12.47 31.33
N VAL A 1324 -20.27 11.71 30.36
CA VAL A 1324 -20.98 10.51 29.95
C VAL A 1324 -20.89 9.43 31.02
N SER A 1325 -19.77 9.37 31.75
CA SER A 1325 -19.70 8.38 32.83
C SER A 1325 -20.74 8.67 33.90
N LEU A 1326 -21.02 9.95 34.16
CA LEU A 1326 -22.10 10.31 35.07
C LEU A 1326 -23.45 9.95 34.48
N VAL A 1327 -23.74 10.45 33.28
CA VAL A 1327 -25.04 10.20 32.63
C VAL A 1327 -25.35 8.72 32.60
N SER A 1328 -24.33 7.87 32.49
CA SER A 1328 -24.55 6.43 32.47
C SER A 1328 -25.32 5.98 33.71
N LEU A 1329 -24.77 6.24 34.90
CA LEU A 1329 -25.46 5.82 36.12
C LEU A 1329 -26.60 6.75 36.50
N VAL A 1330 -26.68 7.94 35.90
CA VAL A 1330 -27.82 8.81 36.19
C VAL A 1330 -29.04 8.33 35.43
N ALA A 1331 -28.84 7.61 34.33
CA ALA A 1331 -29.96 7.11 33.54
C ALA A 1331 -30.48 5.76 34.03
N ASN A 1332 -29.57 4.84 34.36
CA ASN A 1332 -29.98 3.44 34.57
C ASN A 1332 -30.67 3.26 35.92
N THR A 1333 -30.00 3.62 37.01
CA THR A 1333 -30.55 3.31 38.34
C THR A 1333 -31.58 4.34 38.76
N LEU A 1334 -31.63 5.50 38.11
CA LEU A 1334 -32.61 6.51 38.47
C LEU A 1334 -33.88 6.38 37.62
N GLY A 1335 -33.73 6.48 36.31
CA GLY A 1335 -34.87 6.44 35.42
C GLY A 1335 -35.27 5.08 34.91
N PHE A 1336 -34.48 4.04 35.19
CA PHE A 1336 -34.77 2.66 34.76
C PHE A 1336 -34.97 2.58 33.26
N ALA A 1337 -34.42 3.53 32.51
CA ALA A 1337 -34.70 3.63 31.08
C ALA A 1337 -34.22 2.42 30.30
N GLU A 1338 -32.89 2.24 30.22
CA GLU A 1338 -32.26 1.15 29.49
C GLU A 1338 -32.78 1.00 28.06
N MET A 1339 -33.37 2.04 27.49
CA MET A 1339 -33.97 1.98 26.17
C MET A 1339 -33.43 3.11 25.30
N GLY A 1340 -33.66 2.99 23.99
CA GLY A 1340 -33.27 4.00 23.04
C GLY A 1340 -31.79 4.29 23.08
N PRO A 1341 -31.42 5.55 22.87
CA PRO A 1341 -30.00 5.92 22.87
C PRO A 1341 -29.43 6.05 24.27
N ILE A 1342 -29.73 5.10 25.14
CA ILE A 1342 -29.10 5.00 26.44
C ILE A 1342 -28.02 3.92 26.46
N LYS A 1343 -28.32 2.76 25.88
CA LYS A 1343 -27.27 1.77 25.62
C LYS A 1343 -26.20 2.33 24.68
N SER A 1344 -26.58 3.25 23.80
CA SER A 1344 -25.60 3.91 22.95
C SER A 1344 -24.61 4.75 23.74
N LEU A 1345 -24.86 4.98 25.03
CA LEU A 1345 -23.89 5.69 25.86
C LEU A 1345 -22.87 4.75 26.48
N ARG A 1346 -23.26 3.49 26.74
CA ARG A 1346 -22.30 2.53 27.25
C ARG A 1346 -21.52 1.83 26.14
N THR A 1347 -21.92 2.01 24.88
CA THR A 1347 -21.04 1.72 23.76
C THR A 1347 -20.04 2.82 23.54
N LEU A 1348 -20.23 3.97 24.16
CA LEU A 1348 -19.33 5.11 24.06
C LEU A 1348 -18.31 5.16 25.18
N ARG A 1349 -18.33 4.19 26.10
CA ARG A 1349 -17.29 4.13 27.13
C ARG A 1349 -15.99 3.58 26.59
N ALA A 1350 -15.92 3.23 25.31
CA ALA A 1350 -14.67 2.85 24.68
C ALA A 1350 -13.64 3.97 24.70
N LEU A 1351 -14.03 5.17 25.08
CA LEU A 1351 -13.15 6.33 25.10
C LEU A 1351 -12.39 6.47 26.41
N ARG A 1352 -12.60 5.57 27.37
CA ARG A 1352 -11.86 5.65 28.63
C ARG A 1352 -10.35 5.67 28.45
N PRO A 1353 -9.75 4.97 27.46
CA PRO A 1353 -8.29 5.11 27.26
C PRO A 1353 -7.85 6.50 26.83
N LEU A 1354 -8.77 7.40 26.50
CA LEU A 1354 -8.35 8.73 26.08
C LEU A 1354 -7.71 9.51 27.21
N ARG A 1355 -8.00 9.14 28.46
CA ARG A 1355 -7.34 9.79 29.59
C ARG A 1355 -5.84 9.54 29.57
N ALA A 1356 -5.39 8.49 28.89
CA ALA A 1356 -3.98 8.18 28.82
C ALA A 1356 -3.20 9.18 27.98
N LEU A 1357 -3.88 9.87 27.07
CA LEU A 1357 -3.18 10.79 26.17
C LEU A 1357 -2.53 11.95 26.90
N SER A 1358 -3.20 12.51 27.91
CA SER A 1358 -2.71 13.71 28.58
C SER A 1358 -1.62 13.44 29.60
N ARG A 1359 -1.24 12.19 29.80
CA ARG A 1359 -0.32 11.82 30.86
C ARG A 1359 0.97 11.18 30.38
N PHE A 1360 0.95 10.52 29.22
CA PHE A 1360 2.14 9.92 28.65
C PHE A 1360 2.75 10.92 27.68
N GLU A 1361 3.87 11.54 28.09
CA GLU A 1361 4.42 12.67 27.35
C GLU A 1361 4.72 12.35 25.90
N GLY A 1362 5.04 11.08 25.59
CA GLY A 1362 5.22 10.71 24.20
C GLY A 1362 3.98 10.96 23.37
N MET A 1363 2.83 10.48 23.86
CA MET A 1363 1.59 10.69 23.12
C MET A 1363 1.15 12.15 23.16
N ARG A 1364 1.43 12.86 24.25
CA ARG A 1364 1.14 14.30 24.27
C ARG A 1364 1.91 15.01 23.18
N VAL A 1365 3.20 14.71 23.03
CA VAL A 1365 4.01 15.37 22.01
C VAL A 1365 3.51 14.99 20.61
N VAL A 1366 3.18 13.72 20.41
CA VAL A 1366 2.75 13.31 19.07
C VAL A 1366 1.41 13.96 18.71
N VAL A 1367 0.48 14.05 19.67
CA VAL A 1367 -0.79 14.68 19.36
C VAL A 1367 -0.63 16.18 19.18
N ASN A 1368 0.30 16.79 19.92
CA ASN A 1368 0.62 18.19 19.65
C ASN A 1368 1.06 18.37 18.21
N ALA A 1369 2.02 17.55 17.77
CA ALA A 1369 2.51 17.65 16.40
C ALA A 1369 1.40 17.40 15.38
N LEU A 1370 0.47 16.48 15.69
CA LEU A 1370 -0.57 16.14 14.74
C LEU A 1370 -1.61 17.24 14.64
N VAL A 1371 -2.16 17.68 15.78
CA VAL A 1371 -3.15 18.74 15.77
C VAL A 1371 -2.56 20.04 15.24
N GLY A 1372 -1.23 20.22 15.38
CA GLY A 1372 -0.59 21.37 14.79
C GLY A 1372 -0.85 21.49 13.31
N ALA A 1373 -0.71 20.39 12.58
CA ALA A 1373 -0.95 20.38 11.13
C ALA A 1373 -2.38 19.98 10.79
N ILE A 1374 -3.37 20.59 11.43
CA ILE A 1374 -4.76 20.41 11.04
C ILE A 1374 -5.18 21.34 9.90
N PRO A 1375 -4.91 22.65 9.96
CA PRO A 1375 -5.46 23.54 8.91
C PRO A 1375 -5.09 23.15 7.49
N SER A 1376 -3.80 22.99 7.20
CA SER A 1376 -3.38 22.57 5.86
C SER A 1376 -4.06 21.29 5.45
N ILE A 1377 -4.17 20.33 6.38
CA ILE A 1377 -4.90 19.10 6.11
C ILE A 1377 -6.34 19.41 5.74
N MET A 1378 -6.94 20.41 6.37
CA MET A 1378 -8.34 20.71 6.07
C MET A 1378 -8.48 21.32 4.67
N ASN A 1379 -7.58 22.23 4.29
CA ASN A 1379 -7.62 22.81 2.96
C ASN A 1379 -7.43 21.73 1.89
N VAL A 1380 -6.45 20.85 2.09
CA VAL A 1380 -6.21 19.81 1.08
C VAL A 1380 -7.35 18.80 1.08
N LEU A 1381 -7.97 18.52 2.23
CA LEU A 1381 -9.16 17.69 2.24
C LEU A 1381 -10.27 18.33 1.41
N LEU A 1382 -10.45 19.64 1.53
CA LEU A 1382 -11.48 20.30 0.72
C LEU A 1382 -11.19 20.16 -0.76
N VAL A 1383 -9.96 20.44 -1.18
CA VAL A 1383 -9.68 20.44 -2.61
C VAL A 1383 -9.76 19.01 -3.17
N CYS A 1384 -9.24 18.03 -2.44
CA CYS A 1384 -9.35 16.65 -2.90
C CYS A 1384 -10.78 16.16 -2.87
N LEU A 1385 -11.59 16.63 -1.91
CA LEU A 1385 -13.00 16.26 -1.88
C LEU A 1385 -13.72 16.78 -3.11
N ILE A 1386 -13.42 18.00 -3.54
CA ILE A 1386 -14.10 18.52 -4.73
C ILE A 1386 -13.59 17.84 -6.00
N PHE A 1387 -12.30 17.48 -6.04
CA PHE A 1387 -11.81 16.75 -7.20
C PHE A 1387 -12.44 15.37 -7.30
N TRP A 1388 -12.42 14.62 -6.19
CA TRP A 1388 -13.15 13.36 -6.15
C TRP A 1388 -14.63 13.56 -6.38
N LEU A 1389 -15.16 14.74 -6.08
CA LEU A 1389 -16.56 15.03 -6.37
C LEU A 1389 -16.81 15.10 -7.86
N ILE A 1390 -15.91 15.77 -8.60
CA ILE A 1390 -16.00 15.75 -10.06
C ILE A 1390 -15.96 14.31 -10.56
N PHE A 1391 -14.98 13.54 -10.09
CA PHE A 1391 -14.86 12.16 -10.54
C PHE A 1391 -16.08 11.34 -10.16
N SER A 1392 -16.69 11.61 -9.02
CA SER A 1392 -17.84 10.83 -8.57
C SER A 1392 -19.10 11.21 -9.32
N ILE A 1393 -19.24 12.49 -9.72
CA ILE A 1393 -20.37 12.85 -10.56
C ILE A 1393 -20.24 12.22 -11.93
N MET A 1394 -19.02 12.15 -12.45
CA MET A 1394 -18.82 11.42 -13.71
C MET A 1394 -19.14 9.93 -13.53
N GLY A 1395 -18.71 9.36 -12.41
CA GLY A 1395 -19.01 7.95 -12.13
C GLY A 1395 -20.50 7.70 -12.02
N VAL A 1396 -21.24 8.63 -11.42
CA VAL A 1396 -22.69 8.46 -11.32
C VAL A 1396 -23.35 8.64 -12.67
N ASN A 1397 -22.84 9.56 -13.50
CA ASN A 1397 -23.41 9.71 -14.83
C ASN A 1397 -23.20 8.44 -15.66
N LEU A 1398 -22.09 7.75 -15.44
CA LEU A 1398 -21.79 6.57 -16.23
C LEU A 1398 -22.45 5.31 -15.68
N PHE A 1399 -22.34 5.07 -14.37
CA PHE A 1399 -22.55 3.76 -13.77
C PHE A 1399 -23.75 3.70 -12.84
N ALA A 1400 -24.65 4.68 -12.88
CA ALA A 1400 -25.80 4.67 -11.97
C ALA A 1400 -26.87 3.75 -12.54
N GLY A 1401 -26.96 2.55 -11.99
CA GLY A 1401 -27.97 1.60 -12.43
C GLY A 1401 -27.47 0.49 -13.31
N LYS A 1402 -26.16 0.28 -13.36
CA LYS A 1402 -25.57 -0.72 -14.22
C LYS A 1402 -24.81 -1.81 -13.45
N PHE A 1403 -24.92 -1.81 -12.12
CA PHE A 1403 -24.26 -2.79 -11.27
C PHE A 1403 -25.21 -3.86 -10.77
N GLY A 1404 -26.44 -3.90 -11.26
CA GLY A 1404 -27.43 -4.83 -10.75
C GLY A 1404 -27.39 -6.19 -11.42
N ARG A 1405 -26.87 -7.19 -10.73
CA ARG A 1405 -26.76 -8.53 -11.26
C ARG A 1405 -27.83 -9.43 -10.65
N CYS A 1406 -28.13 -10.52 -11.33
CA CYS A 1406 -29.01 -11.56 -10.80
C CYS A 1406 -28.16 -12.70 -10.26
N ILE A 1407 -28.70 -13.40 -9.27
CA ILE A 1407 -28.00 -14.51 -8.64
C ILE A 1407 -29.01 -15.62 -8.35
N ASN A 1408 -28.78 -16.79 -8.91
CA ASN A 1408 -29.54 -17.98 -8.53
C ASN A 1408 -28.99 -18.47 -7.20
N GLN A 1409 -29.80 -18.35 -6.14
CA GLN A 1409 -29.30 -18.52 -4.78
C GLN A 1409 -28.96 -19.97 -4.45
N THR A 1410 -29.25 -20.93 -5.34
CA THR A 1410 -28.88 -22.31 -5.10
C THR A 1410 -27.36 -22.42 -4.92
N GLU A 1411 -26.62 -22.16 -6.00
CA GLU A 1411 -25.17 -22.08 -5.98
C GLU A 1411 -24.81 -20.83 -6.78
N GLY A 1412 -24.81 -19.68 -6.13
CA GLY A 1412 -24.64 -18.45 -6.87
C GLY A 1412 -23.97 -17.30 -6.15
N ASP A 1413 -22.92 -16.78 -6.76
CA ASP A 1413 -22.35 -15.49 -6.37
C ASP A 1413 -21.94 -14.71 -7.61
N LEU A 1414 -22.64 -14.92 -8.73
CA LEU A 1414 -22.20 -14.43 -10.04
C LEU A 1414 -23.42 -14.34 -10.94
N PRO A 1415 -23.33 -13.58 -12.04
CA PRO A 1415 -24.49 -13.37 -12.90
C PRO A 1415 -25.00 -14.64 -13.55
N LEU A 1416 -26.07 -14.51 -14.31
CA LEU A 1416 -26.82 -15.64 -14.85
C LEU A 1416 -26.81 -15.66 -16.37
N ASN A 1417 -25.66 -15.39 -16.99
CA ASN A 1417 -25.53 -15.51 -18.44
C ASN A 1417 -26.59 -14.70 -19.17
N TYR A 1418 -26.41 -13.38 -19.21
CA TYR A 1418 -27.41 -12.40 -19.63
C TYR A 1418 -28.30 -12.85 -20.79
N THR A 1419 -27.79 -13.70 -21.67
CA THR A 1419 -28.63 -14.22 -22.76
C THR A 1419 -29.87 -14.94 -22.24
N ILE A 1420 -29.83 -15.42 -21.00
CA ILE A 1420 -30.99 -16.04 -20.37
C ILE A 1420 -31.82 -15.02 -19.61
N VAL A 1421 -31.16 -14.23 -18.76
CA VAL A 1421 -31.81 -13.19 -17.96
C VAL A 1421 -30.96 -11.94 -18.10
N ASN A 1422 -31.43 -10.98 -18.91
CA ASN A 1422 -30.68 -9.75 -19.15
C ASN A 1422 -31.28 -8.57 -18.41
N ASN A 1423 -32.56 -8.30 -18.56
CA ASN A 1423 -33.17 -7.13 -17.95
C ASN A 1423 -33.75 -7.46 -16.58
N LYS A 1424 -33.89 -6.42 -15.75
CA LYS A 1424 -34.52 -6.61 -14.44
C LYS A 1424 -35.96 -7.04 -14.59
N SER A 1425 -36.62 -6.65 -15.68
CA SER A 1425 -37.96 -7.15 -15.95
C SER A 1425 -37.98 -8.67 -15.99
N GLN A 1426 -36.99 -9.28 -16.65
CA GLN A 1426 -36.90 -10.73 -16.63
C GLN A 1426 -36.47 -11.24 -15.27
N CYS A 1427 -35.51 -10.58 -14.63
CA CYS A 1427 -35.01 -11.03 -13.33
C CYS A 1427 -36.12 -11.08 -12.29
N GLU A 1428 -37.16 -10.26 -12.45
CA GLU A 1428 -38.30 -10.30 -11.53
C GLU A 1428 -39.58 -10.76 -12.23
N SER A 1429 -39.48 -11.31 -13.43
CA SER A 1429 -40.60 -11.94 -14.10
C SER A 1429 -40.45 -13.45 -14.18
N LEU A 1430 -39.42 -14.01 -13.53
CA LEU A 1430 -39.18 -15.45 -13.53
C LEU A 1430 -39.02 -15.98 -12.10
N ASN A 1431 -39.57 -15.28 -11.12
CA ASN A 1431 -39.46 -15.71 -9.72
C ASN A 1431 -40.49 -16.78 -9.40
N LEU A 1432 -40.54 -17.83 -10.22
CA LEU A 1432 -41.38 -18.97 -9.89
C LEU A 1432 -40.78 -19.75 -8.72
N THR A 1433 -39.47 -19.63 -8.53
CA THR A 1433 -38.78 -20.13 -7.36
C THR A 1433 -38.11 -18.97 -6.64
N GLY A 1434 -37.95 -19.11 -5.33
CA GLY A 1434 -37.34 -18.06 -4.54
C GLY A 1434 -35.83 -18.01 -4.68
N GLU A 1435 -35.35 -17.98 -5.92
CA GLU A 1435 -33.91 -18.09 -6.18
C GLU A 1435 -33.30 -16.83 -6.78
N LEU A 1436 -34.03 -16.12 -7.64
CA LEU A 1436 -33.48 -14.97 -8.35
C LEU A 1436 -33.47 -13.75 -7.43
N TYR A 1437 -32.28 -13.23 -7.15
CA TYR A 1437 -32.10 -12.06 -6.29
C TYR A 1437 -31.28 -11.02 -7.04
N TRP A 1438 -31.92 -9.93 -7.45
CA TRP A 1438 -31.26 -8.83 -8.13
C TRP A 1438 -30.48 -8.03 -7.09
N THR A 1439 -29.27 -8.49 -6.81
CA THR A 1439 -28.43 -7.91 -5.76
C THR A 1439 -27.37 -7.03 -6.38
N LYS A 1440 -27.46 -5.72 -6.11
CA LYS A 1440 -26.43 -4.80 -6.55
C LYS A 1440 -25.11 -5.11 -5.84
N VAL A 1441 -24.02 -4.67 -6.47
CA VAL A 1441 -22.73 -4.73 -5.80
C VAL A 1441 -22.79 -3.89 -4.53
N LYS A 1442 -22.09 -4.34 -3.49
CA LYS A 1442 -22.13 -3.65 -2.21
C LYS A 1442 -21.62 -2.22 -2.34
N VAL A 1443 -20.47 -2.03 -2.97
CA VAL A 1443 -19.92 -0.71 -3.26
C VAL A 1443 -20.13 -0.43 -4.73
N ASN A 1444 -20.79 0.69 -5.03
CA ASN A 1444 -21.20 0.98 -6.39
C ASN A 1444 -21.36 2.48 -6.56
N PHE A 1445 -21.54 2.89 -7.81
CA PHE A 1445 -21.85 4.28 -8.16
C PHE A 1445 -23.35 4.37 -8.39
N ASP A 1446 -24.09 4.79 -7.38
CA ASP A 1446 -25.51 5.06 -7.51
C ASP A 1446 -25.89 6.45 -7.04
N ASN A 1447 -25.08 7.09 -6.21
CA ASN A 1447 -25.19 8.50 -5.85
C ASN A 1447 -23.82 8.96 -5.40
N VAL A 1448 -23.67 10.28 -5.25
CA VAL A 1448 -22.38 10.82 -4.85
C VAL A 1448 -21.99 10.33 -3.46
N GLY A 1449 -22.95 9.82 -2.68
CA GLY A 1449 -22.61 9.27 -1.39
C GLY A 1449 -21.84 7.98 -1.50
N ALA A 1450 -22.32 7.05 -2.34
CA ALA A 1450 -21.63 5.78 -2.52
C ALA A 1450 -20.43 5.90 -3.46
N GLY A 1451 -20.47 6.86 -4.39
CA GLY A 1451 -19.34 7.07 -5.27
C GLY A 1451 -18.05 7.34 -4.53
N TYR A 1452 -18.13 8.06 -3.41
CA TYR A 1452 -16.91 8.35 -2.64
C TYR A 1452 -16.33 7.08 -2.03
N LEU A 1453 -17.18 6.12 -1.68
CA LEU A 1453 -16.67 4.87 -1.13
C LEU A 1453 -15.94 4.05 -2.19
N ALA A 1454 -16.55 3.91 -3.37
CA ALA A 1454 -15.88 3.24 -4.48
C ALA A 1454 -14.58 3.95 -4.82
N LEU A 1455 -14.57 5.28 -4.73
CA LEU A 1455 -13.35 6.01 -5.03
C LEU A 1455 -12.26 5.74 -3.99
N LEU A 1456 -12.64 5.65 -2.71
CA LEU A 1456 -11.67 5.27 -1.70
C LEU A 1456 -11.11 3.89 -1.96
N GLN A 1457 -11.97 2.93 -2.28
CA GLN A 1457 -11.49 1.57 -2.49
C GLN A 1457 -10.57 1.49 -3.71
N VAL A 1458 -10.92 2.21 -4.79
CA VAL A 1458 -10.07 2.20 -5.97
C VAL A 1458 -8.74 2.88 -5.68
N ALA A 1459 -8.77 4.11 -5.18
CA ALA A 1459 -7.54 4.86 -4.93
C ALA A 1459 -6.70 4.27 -3.81
N THR A 1460 -7.23 3.33 -3.04
CA THR A 1460 -6.44 2.58 -2.08
C THR A 1460 -6.05 1.20 -2.58
N PHE A 1461 -6.56 0.78 -3.73
CA PHE A 1461 -6.26 -0.52 -4.34
C PHE A 1461 -6.71 -1.69 -3.47
N LYS A 1462 -7.83 -1.55 -2.79
CA LYS A 1462 -8.39 -2.62 -1.97
C LYS A 1462 -9.88 -2.73 -2.28
N GLY A 1463 -10.27 -3.79 -2.97
CA GLY A 1463 -11.63 -3.97 -3.40
C GLY A 1463 -11.96 -3.36 -4.73
N TRP A 1464 -10.97 -2.83 -5.44
CA TRP A 1464 -11.21 -2.20 -6.74
C TRP A 1464 -11.39 -3.23 -7.85
N MET A 1465 -10.94 -4.46 -7.64
CA MET A 1465 -11.15 -5.49 -8.65
C MET A 1465 -12.62 -5.74 -8.89
N ASP A 1466 -13.42 -5.75 -7.82
CA ASP A 1466 -14.85 -5.94 -7.99
C ASP A 1466 -15.53 -4.74 -8.62
N ILE A 1467 -15.12 -3.53 -8.25
CA ILE A 1467 -15.68 -2.33 -8.87
C ILE A 1467 -15.38 -2.31 -10.36
N MET A 1468 -14.12 -2.53 -10.74
CA MET A 1468 -13.77 -2.62 -12.15
C MET A 1468 -14.59 -3.72 -12.83
N TYR A 1469 -14.42 -4.97 -12.38
CA TYR A 1469 -15.13 -6.08 -13.01
C TYR A 1469 -16.64 -5.86 -13.09
N ALA A 1470 -17.19 -4.98 -12.27
CA ALA A 1470 -18.61 -4.67 -12.36
C ALA A 1470 -18.91 -3.52 -13.31
N ALA A 1471 -17.99 -2.57 -13.48
CA ALA A 1471 -18.20 -1.46 -14.41
C ALA A 1471 -17.90 -1.88 -15.84
N VAL A 1472 -16.74 -2.51 -16.04
CA VAL A 1472 -16.33 -3.01 -17.35
C VAL A 1472 -17.39 -3.92 -17.96
N ASP A 1473 -18.08 -4.71 -17.15
CA ASP A 1473 -19.08 -5.62 -17.65
C ASP A 1473 -20.45 -4.98 -17.82
N SER A 1474 -20.60 -3.71 -17.46
CA SER A 1474 -21.91 -3.07 -17.37
C SER A 1474 -22.38 -2.66 -18.76
N ARG A 1475 -23.32 -3.42 -19.32
CA ARG A 1475 -23.79 -3.17 -20.67
C ARG A 1475 -25.02 -2.27 -20.76
N GLY A 1476 -25.40 -1.61 -19.69
CA GLY A 1476 -26.48 -0.65 -19.78
C GLY A 1476 -27.19 -0.46 -18.45
N TYR A 1477 -28.16 0.45 -18.48
CA TYR A 1477 -28.90 0.83 -17.28
C TYR A 1477 -29.91 -0.24 -16.91
N GLU A 1478 -29.73 -0.84 -15.73
CA GLU A 1478 -30.65 -1.83 -15.18
C GLU A 1478 -30.79 -3.04 -16.11
N GLU A 1479 -29.67 -3.74 -16.30
CA GLU A 1479 -29.68 -4.98 -17.06
C GLU A 1479 -28.44 -5.78 -16.73
N GLN A 1480 -28.51 -7.08 -17.02
CA GLN A 1480 -27.48 -8.01 -16.62
C GLN A 1480 -26.17 -7.67 -17.31
N PRO A 1481 -25.03 -7.82 -16.65
CA PRO A 1481 -23.75 -7.51 -17.28
C PRO A 1481 -23.37 -8.55 -18.34
N GLN A 1482 -22.43 -8.15 -19.19
CA GLN A 1482 -21.83 -9.00 -20.19
C GLN A 1482 -20.32 -9.00 -19.97
N TRP A 1483 -19.68 -10.10 -20.38
CA TRP A 1483 -18.32 -10.38 -19.92
C TRP A 1483 -17.38 -9.22 -20.14
N GLU A 1484 -17.39 -8.63 -21.34
CA GLU A 1484 -16.51 -7.49 -21.62
C GLU A 1484 -17.23 -6.46 -22.50
N TYR A 1485 -18.54 -6.34 -22.34
CA TYR A 1485 -19.30 -5.47 -23.23
C TYR A 1485 -18.79 -4.03 -23.21
N ASN A 1486 -18.20 -3.61 -22.10
CA ASN A 1486 -17.63 -2.26 -22.02
C ASN A 1486 -16.16 -2.33 -21.61
N LEU A 1487 -15.42 -3.18 -22.33
CA LEU A 1487 -14.01 -3.39 -22.04
C LEU A 1487 -13.25 -2.09 -21.83
N TYR A 1488 -13.61 -1.04 -22.57
CA TYR A 1488 -12.84 0.20 -22.55
C TYR A 1488 -13.13 1.07 -21.35
N MET A 1489 -14.13 0.73 -20.53
CA MET A 1489 -14.37 1.48 -19.31
C MET A 1489 -13.21 1.40 -18.33
N TYR A 1490 -12.29 0.45 -18.53
CA TYR A 1490 -11.06 0.44 -17.75
C TYR A 1490 -10.33 1.76 -17.83
N ILE A 1491 -10.48 2.50 -18.94
CA ILE A 1491 -9.72 3.72 -19.13
C ILE A 1491 -10.17 4.78 -18.14
N TYR A 1492 -11.45 4.75 -17.73
CA TYR A 1492 -11.90 5.68 -16.70
C TYR A 1492 -11.13 5.46 -15.40
N PHE A 1493 -10.96 4.20 -15.01
CA PHE A 1493 -10.23 3.92 -13.78
C PHE A 1493 -8.74 4.18 -13.93
N VAL A 1494 -8.20 3.99 -15.14
CA VAL A 1494 -6.81 4.37 -15.38
C VAL A 1494 -6.64 5.88 -15.16
N ILE A 1495 -7.51 6.68 -15.78
CA ILE A 1495 -7.46 8.12 -15.62
C ILE A 1495 -7.60 8.50 -14.15
N PHE A 1496 -8.54 7.87 -13.46
CA PHE A 1496 -8.73 8.20 -12.05
C PHE A 1496 -7.49 7.88 -11.23
N ILE A 1497 -6.98 6.66 -11.35
CA ILE A 1497 -5.83 6.26 -10.55
C ILE A 1497 -4.62 7.15 -10.85
N ILE A 1498 -4.47 7.56 -12.11
CA ILE A 1498 -3.28 8.35 -12.43
C ILE A 1498 -3.46 9.79 -11.97
N PHE A 1499 -4.68 10.34 -12.00
CA PHE A 1499 -4.85 11.74 -11.60
C PHE A 1499 -5.21 11.86 -10.13
N GLY A 1500 -6.39 11.37 -9.76
CA GLY A 1500 -6.86 11.50 -8.40
C GLY A 1500 -5.90 10.88 -7.40
N SER A 1501 -5.75 9.56 -7.43
CA SER A 1501 -4.90 8.87 -6.47
C SER A 1501 -3.50 9.47 -6.45
N PHE A 1502 -2.81 9.43 -7.60
CA PHE A 1502 -1.40 9.77 -7.64
C PHE A 1502 -1.16 11.24 -7.29
N PHE A 1503 -1.80 12.16 -8.04
CA PHE A 1503 -1.53 13.57 -7.81
C PHE A 1503 -2.07 14.03 -6.47
N THR A 1504 -3.24 13.55 -6.06
CA THR A 1504 -3.75 13.82 -4.73
C THR A 1504 -2.74 13.44 -3.66
N LEU A 1505 -2.19 12.23 -3.74
CA LEU A 1505 -1.24 11.80 -2.73
C LEU A 1505 0.05 12.60 -2.81
N ASN A 1506 0.47 12.99 -4.01
CA ASN A 1506 1.65 13.85 -4.14
C ASN A 1506 1.42 15.17 -3.38
N LEU A 1507 0.34 15.86 -3.71
CA LEU A 1507 -0.01 17.10 -3.02
C LEU A 1507 -0.13 16.87 -1.52
N PHE A 1508 -0.66 15.72 -1.11
CA PHE A 1508 -0.94 15.47 0.29
C PHE A 1508 0.35 15.29 1.07
N ILE A 1509 1.22 14.40 0.62
CA ILE A 1509 2.51 14.23 1.29
C ILE A 1509 3.33 15.51 1.22
N GLY A 1510 3.20 16.26 0.13
CA GLY A 1510 3.93 17.51 0.01
C GLY A 1510 3.51 18.53 1.06
N VAL A 1511 2.20 18.75 1.18
CA VAL A 1511 1.72 19.73 2.15
C VAL A 1511 2.03 19.25 3.57
N ILE A 1512 1.96 17.94 3.81
CA ILE A 1512 2.24 17.45 5.15
C ILE A 1512 3.71 17.64 5.51
N ILE A 1513 4.63 17.31 4.58
CA ILE A 1513 6.05 17.49 4.89
C ILE A 1513 6.38 18.96 5.00
N ASP A 1514 5.74 19.81 4.20
CA ASP A 1514 5.95 21.25 4.34
C ASP A 1514 5.52 21.73 5.73
N ASN A 1515 4.34 21.30 6.17
CA ASN A 1515 3.84 21.72 7.48
C ASN A 1515 4.76 21.22 8.59
N PHE A 1516 5.12 19.94 8.56
CA PHE A 1516 6.01 19.40 9.60
C PHE A 1516 7.36 20.10 9.58
N ASN A 1517 7.89 20.40 8.40
CA ASN A 1517 9.22 21.00 8.31
C ASN A 1517 9.22 22.42 8.85
N GLN A 1518 8.23 23.22 8.46
CA GLN A 1518 8.19 24.58 8.98
C GLN A 1518 7.77 24.60 10.45
N GLN A 1519 7.04 23.59 10.91
CA GLN A 1519 6.73 23.48 12.33
C GLN A 1519 7.99 23.20 13.13
N LYS A 1520 8.84 22.30 12.63
CA LYS A 1520 10.11 22.03 13.30
C LYS A 1520 11.04 23.24 13.23
N LYS A 1521 11.05 23.93 12.09
CA LYS A 1521 11.92 25.10 11.93
C LYS A 1521 11.50 26.23 12.86
N LYS A 1522 10.19 26.44 13.02
CA LYS A 1522 9.69 27.47 13.92
C LYS A 1522 10.09 27.21 15.37
N LEU A 1523 10.40 25.98 15.72
CA LEU A 1523 10.68 25.62 17.11
C LEU A 1523 12.15 25.91 17.45
N GLY A 1524 12.55 25.48 18.64
CA GLY A 1524 13.92 25.57 19.10
C GLY A 1524 14.60 24.23 18.92
N GLY A 1525 14.64 23.42 19.98
CA GLY A 1525 14.98 22.02 19.82
C GLY A 1525 14.15 21.44 18.70
N GLN A 1526 14.80 21.06 17.61
CA GLN A 1526 14.11 20.92 16.33
C GLN A 1526 13.18 19.72 16.31
N ASP A 1527 13.72 18.53 16.55
CA ASP A 1527 12.96 17.31 16.32
C ASP A 1527 11.68 17.27 17.16
N ILE A 1528 10.66 16.64 16.60
CA ILE A 1528 9.36 16.49 17.24
C ILE A 1528 9.16 15.01 17.51
N PHE A 1529 8.02 14.65 18.09
CA PHE A 1529 7.66 13.26 18.42
C PHE A 1529 8.57 12.68 19.50
N MET A 1530 9.31 13.53 20.20
CA MET A 1530 10.30 13.07 21.17
C MET A 1530 10.24 13.95 22.42
N THR A 1531 10.04 13.31 23.56
CA THR A 1531 10.06 14.02 24.84
C THR A 1531 11.48 14.48 25.17
N GLU A 1532 11.57 15.42 26.11
CA GLU A 1532 12.88 15.96 26.48
C GLU A 1532 13.82 14.87 26.96
N GLU A 1533 13.32 13.92 27.74
CA GLU A 1533 14.14 12.77 28.13
C GLU A 1533 14.62 12.02 26.89
N GLN A 1534 13.73 11.79 25.93
CA GLN A 1534 14.14 11.12 24.70
C GLN A 1534 15.09 11.98 23.88
N LYS A 1535 14.90 13.31 23.91
CA LYS A 1535 15.84 14.19 23.24
C LYS A 1535 17.24 14.09 23.84
N LYS A 1536 17.33 13.96 25.16
CA LYS A 1536 18.64 13.82 25.79
C LYS A 1536 19.25 12.45 25.50
N TYR A 1537 18.45 11.39 25.55
CA TYR A 1537 18.94 10.08 25.12
C TYR A 1537 19.43 10.11 23.69
N TYR A 1538 18.77 10.88 22.83
CA TYR A 1538 19.13 10.96 21.42
C TYR A 1538 20.43 11.74 21.25
N ASN A 1539 20.58 12.84 21.98
CA ASN A 1539 21.83 13.60 21.92
C ASN A 1539 23.00 12.82 22.50
N ALA A 1540 22.73 11.90 23.43
CA ALA A 1540 23.78 11.01 23.90
C ALA A 1540 24.08 9.90 22.90
N MET A 1541 23.05 9.39 22.23
CA MET A 1541 23.23 8.31 21.28
C MET A 1541 23.98 8.77 20.03
N LYS A 1542 23.75 10.02 19.61
CA LYS A 1542 24.44 10.52 18.41
C LYS A 1542 25.94 10.63 18.61
N LYS A 1543 26.42 10.54 19.86
CA LYS A 1543 27.85 10.54 20.12
C LYS A 1543 28.46 9.15 20.10
N LEU A 1544 27.64 8.09 20.04
CA LEU A 1544 28.16 6.73 19.96
C LEU A 1544 28.86 6.52 18.62
N GLY A 1545 28.13 6.68 17.53
CA GLY A 1545 28.71 6.56 16.21
C GLY A 1545 29.56 7.77 15.84
N SER A 1546 30.56 8.06 16.65
CA SER A 1546 31.42 9.22 16.42
C SER A 1546 32.14 9.11 15.08
N LYS A 1547 32.62 10.25 14.59
CA LYS A 1547 33.34 10.28 13.33
C LYS A 1547 34.53 9.32 13.33
N LYS A 1548 35.26 9.28 14.45
CA LYS A 1548 36.39 8.38 14.56
C LYS A 1548 36.63 7.99 16.01
N PRO A 1549 36.25 6.78 16.42
CA PRO A 1549 36.67 6.28 17.73
C PRO A 1549 38.18 6.07 17.75
N GLN A 1550 38.80 6.48 18.86
CA GLN A 1550 40.25 6.47 18.96
C GLN A 1550 40.80 5.06 18.75
N LYS A 1551 42.04 4.99 18.30
CA LYS A 1551 42.67 3.71 18.04
C LYS A 1551 43.10 3.05 19.35
N PRO A 1552 42.79 1.77 19.55
CA PRO A 1552 43.19 1.12 20.81
C PRO A 1552 44.69 0.92 20.93
N ILE A 1553 45.35 0.46 19.86
CA ILE A 1553 46.77 0.11 19.79
C ILE A 1553 47.20 -0.52 21.11
N PRO A 1554 46.73 -1.74 21.41
CA PRO A 1554 46.97 -2.33 22.73
C PRO A 1554 48.43 -2.73 22.92
N ARG A 1555 48.82 -2.84 24.19
CA ARG A 1555 50.10 -3.40 24.58
C ARG A 1555 50.32 -4.73 23.85
N PRO A 1556 51.44 -4.90 23.13
CA PRO A 1556 51.52 -5.99 22.15
C PRO A 1556 51.32 -7.39 22.74
N LEU A 1557 52.26 -7.84 23.59
CA LEU A 1557 52.10 -8.79 24.67
C LEU A 1557 53.45 -9.27 25.19
N ASN A 1558 53.44 -10.15 26.19
CA ASN A 1558 54.64 -10.87 26.61
C ASN A 1558 55.01 -11.91 25.54
N LYS A 1559 56.01 -12.75 25.86
CA LYS A 1559 56.56 -13.68 24.86
C LYS A 1559 55.48 -14.62 24.31
N TYR A 1560 54.84 -15.40 25.19
CA TYR A 1560 53.83 -16.37 24.74
C TYR A 1560 52.74 -15.68 23.92
N GLN A 1561 52.00 -14.77 24.54
CA GLN A 1561 50.90 -14.12 23.86
C GLN A 1561 51.38 -13.19 22.76
N GLY A 1562 52.65 -12.77 22.79
CA GLY A 1562 53.19 -12.07 21.65
C GLY A 1562 53.27 -12.96 20.42
N PHE A 1563 53.85 -14.14 20.57
CA PHE A 1563 53.85 -15.11 19.48
C PHE A 1563 52.42 -15.44 19.05
N ILE A 1564 51.48 -15.47 20.00
CA ILE A 1564 50.08 -15.69 19.65
C ILE A 1564 49.58 -14.59 18.73
N PHE A 1565 49.61 -13.34 19.20
CA PHE A 1565 48.98 -12.24 18.47
C PHE A 1565 49.77 -11.81 17.25
N ASP A 1566 50.97 -12.36 17.03
CA ASP A 1566 51.72 -12.07 15.82
C ASP A 1566 50.90 -12.21 14.55
N ILE A 1567 49.90 -13.08 14.54
CA ILE A 1567 49.21 -13.46 13.30
C ILE A 1567 47.78 -12.94 13.26
N VAL A 1568 47.09 -12.95 14.40
CA VAL A 1568 45.65 -12.71 14.40
C VAL A 1568 45.35 -11.24 14.08
N THR A 1569 46.20 -10.32 14.53
CA THR A 1569 45.95 -8.90 14.36
C THR A 1569 46.10 -8.42 12.92
N LYS A 1570 46.32 -9.33 11.97
CA LYS A 1570 46.55 -8.92 10.59
C LYS A 1570 45.22 -8.70 9.86
N GLN A 1571 45.28 -7.84 8.84
CA GLN A 1571 44.08 -7.35 8.16
C GLN A 1571 43.53 -8.31 7.11
N ALA A 1572 44.06 -9.52 7.00
CA ALA A 1572 43.47 -10.54 6.14
C ALA A 1572 42.71 -11.60 6.93
N PHE A 1573 43.05 -11.78 8.21
CA PHE A 1573 42.34 -12.74 9.05
C PHE A 1573 40.86 -12.38 9.16
N ASP A 1574 40.56 -11.09 9.30
CA ASP A 1574 39.17 -10.66 9.42
C ASP A 1574 38.39 -10.97 8.14
N VAL A 1575 39.00 -10.73 6.97
CA VAL A 1575 38.32 -11.04 5.71
C VAL A 1575 38.13 -12.55 5.58
N THR A 1576 39.12 -13.32 6.02
CA THR A 1576 38.98 -14.78 6.01
C THR A 1576 37.78 -15.21 6.85
N ILE A 1577 37.67 -14.67 8.06
CA ILE A 1577 36.54 -15.00 8.93
C ILE A 1577 35.23 -14.56 8.28
N MET A 1578 35.24 -13.38 7.64
CA MET A 1578 34.02 -12.85 7.04
C MET A 1578 33.58 -13.66 5.83
N PHE A 1579 34.50 -14.39 5.19
CA PHE A 1579 34.11 -15.30 4.12
C PHE A 1579 33.72 -16.68 4.63
N LEU A 1580 34.38 -17.17 5.69
CA LEU A 1580 33.90 -18.41 6.32
C LEU A 1580 32.48 -18.23 6.84
N ILE A 1581 32.15 -17.05 7.36
CA ILE A 1581 30.82 -16.85 7.91
C ILE A 1581 29.78 -16.73 6.79
N CYS A 1582 30.18 -16.22 5.62
CA CYS A 1582 29.27 -16.25 4.48
C CYS A 1582 29.08 -17.66 3.97
N LEU A 1583 30.13 -18.48 4.01
CA LEU A 1583 29.99 -19.91 3.74
C LEU A 1583 29.01 -20.55 4.70
N ASN A 1584 29.05 -20.13 5.97
CA ASN A 1584 28.09 -20.63 6.95
C ASN A 1584 26.67 -20.22 6.60
N MET A 1585 26.50 -18.98 6.13
CA MET A 1585 25.17 -18.57 5.65
C MET A 1585 24.71 -19.48 4.51
N VAL A 1586 25.62 -19.77 3.57
CA VAL A 1586 25.26 -20.60 2.42
C VAL A 1586 24.85 -21.99 2.88
N THR A 1587 25.59 -22.58 3.83
CA THR A 1587 25.21 -23.90 4.32
C THR A 1587 23.96 -23.85 5.17
N MET A 1588 23.58 -22.67 5.69
CA MET A 1588 22.27 -22.53 6.31
C MET A 1588 21.16 -22.50 5.28
N MET A 1589 21.43 -21.94 4.09
CA MET A 1589 20.39 -21.82 3.07
C MET A 1589 19.92 -23.15 2.53
N VAL A 1590 20.70 -24.22 2.68
CA VAL A 1590 20.45 -25.46 1.94
C VAL A 1590 19.40 -26.31 2.62
N GLU A 1591 18.76 -25.79 3.66
CA GLU A 1591 17.74 -26.56 4.35
C GLU A 1591 16.52 -26.79 3.46
N THR A 1592 15.69 -27.75 3.85
CA THR A 1592 14.49 -28.12 3.11
C THR A 1592 13.63 -28.98 4.03
N ASP A 1593 12.32 -28.91 3.83
CA ASP A 1593 11.40 -29.73 4.60
C ASP A 1593 11.52 -31.19 4.17
N ASP A 1594 11.66 -32.08 5.15
CA ASP A 1594 11.85 -33.52 4.90
C ASP A 1594 13.01 -33.76 3.94
N GLN A 1595 14.16 -33.16 4.27
CA GLN A 1595 15.28 -33.15 3.34
C GLN A 1595 15.82 -34.54 3.06
N SER A 1596 16.45 -35.19 4.04
CA SER A 1596 16.93 -36.56 3.93
C SER A 1596 17.50 -37.03 5.27
N PRO A 1597 17.31 -38.28 5.64
CA PRO A 1597 17.96 -38.77 6.88
C PRO A 1597 19.46 -38.83 6.73
N GLU A 1598 19.93 -39.19 5.53
CA GLU A 1598 21.36 -39.22 5.24
C GLU A 1598 21.96 -37.81 5.24
N LYS A 1599 21.16 -36.81 4.89
CA LYS A 1599 21.66 -35.46 4.71
C LYS A 1599 21.66 -34.64 5.99
N ILE A 1600 20.69 -34.89 6.88
CA ILE A 1600 20.69 -34.21 8.18
C ILE A 1600 22.00 -34.47 8.92
N ASN A 1601 22.53 -35.69 8.78
CA ASN A 1601 23.78 -36.02 9.45
C ASN A 1601 24.93 -35.16 8.92
N ILE A 1602 25.08 -35.09 7.60
CA ILE A 1602 26.11 -34.25 6.99
C ILE A 1602 25.95 -32.80 7.43
N LEU A 1603 24.71 -32.32 7.48
CA LEU A 1603 24.48 -30.92 7.81
C LEU A 1603 24.82 -30.63 9.27
N ALA A 1604 24.42 -31.51 10.18
CA ALA A 1604 24.79 -31.32 11.58
C ALA A 1604 26.31 -31.40 11.76
N LYS A 1605 26.97 -32.30 11.02
CA LYS A 1605 28.42 -32.41 11.13
C LYS A 1605 29.13 -31.16 10.62
N ILE A 1606 28.70 -30.63 9.48
CA ILE A 1606 29.34 -29.41 8.98
C ILE A 1606 29.00 -28.21 9.87
N ASN A 1607 27.82 -28.21 10.49
CA ASN A 1607 27.48 -27.14 11.42
C ASN A 1607 28.38 -27.18 12.65
N LEU A 1608 28.59 -28.36 13.22
CA LEU A 1608 29.50 -28.45 14.36
C LEU A 1608 30.94 -28.16 13.94
N LEU A 1609 31.30 -28.48 12.70
CA LEU A 1609 32.61 -28.07 12.19
C LEU A 1609 32.73 -26.55 12.15
N PHE A 1610 31.70 -25.87 11.67
CA PHE A 1610 31.72 -24.40 11.61
C PHE A 1610 31.83 -23.81 13.01
N VAL A 1611 31.03 -24.31 13.95
CA VAL A 1611 31.12 -23.75 15.30
C VAL A 1611 32.48 -24.08 15.92
N ALA A 1612 33.09 -25.20 15.53
CA ALA A 1612 34.44 -25.50 15.98
C ALA A 1612 35.43 -24.45 15.50
N ILE A 1613 35.38 -24.13 14.20
CA ILE A 1613 36.29 -23.13 13.66
C ILE A 1613 36.04 -21.77 14.31
N PHE A 1614 34.77 -21.45 14.58
CA PHE A 1614 34.46 -20.16 15.20
C PHE A 1614 34.99 -20.10 16.62
N THR A 1615 34.80 -21.17 17.39
CA THR A 1615 35.39 -21.23 18.73
C THR A 1615 36.90 -21.10 18.67
N GLY A 1616 37.53 -21.72 17.65
CA GLY A 1616 38.97 -21.65 17.55
C GLY A 1616 39.48 -20.25 17.28
N GLU A 1617 38.89 -19.58 16.28
CA GLU A 1617 39.31 -18.21 16.01
C GLU A 1617 38.99 -17.30 17.19
N CYS A 1618 37.88 -17.55 17.89
CA CYS A 1618 37.55 -16.75 19.05
C CYS A 1618 38.57 -16.91 20.16
N ILE A 1619 38.99 -18.15 20.45
CA ILE A 1619 39.93 -18.36 21.53
C ILE A 1619 41.32 -17.85 21.15
N VAL A 1620 41.67 -17.90 19.85
CA VAL A 1620 42.92 -17.29 19.42
C VAL A 1620 42.88 -15.78 19.65
N LYS A 1621 41.78 -15.14 19.25
CA LYS A 1621 41.66 -13.70 19.46
C LYS A 1621 41.65 -13.36 20.95
N LEU A 1622 41.11 -14.25 21.78
CA LEU A 1622 41.17 -14.04 23.24
C LEU A 1622 42.60 -14.12 23.74
N ALA A 1623 43.32 -15.16 23.34
CA ALA A 1623 44.73 -15.29 23.71
C ALA A 1623 45.59 -14.17 23.12
N ALA A 1624 45.07 -13.41 22.16
CA ALA A 1624 45.81 -12.27 21.64
C ALA A 1624 45.88 -11.15 22.67
N LEU A 1625 44.73 -10.75 23.24
CA LEU A 1625 44.67 -9.64 24.18
C LEU A 1625 43.92 -10.08 25.42
N ARG A 1626 44.49 -9.82 26.60
CA ARG A 1626 43.87 -10.27 27.83
C ARG A 1626 42.75 -9.34 28.30
N HIS A 1627 43.06 -8.07 28.55
CA HIS A 1627 42.04 -7.10 28.90
C HIS A 1627 41.54 -6.30 27.70
N TYR A 1628 42.40 -6.09 26.70
CA TYR A 1628 42.04 -5.31 25.53
C TYR A 1628 41.12 -6.05 24.57
N TYR A 1629 40.53 -7.16 25.00
CA TYR A 1629 39.53 -7.87 24.20
C TYR A 1629 38.15 -7.26 24.37
N PHE A 1630 37.86 -6.71 25.55
CA PHE A 1630 36.53 -6.28 25.92
C PHE A 1630 36.25 -4.82 25.60
N THR A 1631 36.92 -4.26 24.58
CA THR A 1631 36.78 -2.84 24.29
C THR A 1631 36.10 -2.56 22.95
N ASN A 1632 36.12 -3.51 22.01
CA ASN A 1632 35.69 -3.22 20.65
C ASN A 1632 34.16 -3.08 20.53
N SER A 1633 33.40 -3.65 21.47
CA SER A 1633 31.94 -3.59 21.49
C SER A 1633 31.33 -4.40 20.35
N TRP A 1634 32.19 -4.93 19.47
CA TRP A 1634 31.83 -5.94 18.48
C TRP A 1634 32.48 -7.27 18.76
N ASN A 1635 33.72 -7.24 19.24
CA ASN A 1635 34.39 -8.47 19.69
C ASN A 1635 33.59 -9.13 20.80
N ILE A 1636 33.00 -8.32 21.70
CA ILE A 1636 32.13 -8.86 22.73
C ILE A 1636 30.92 -9.56 22.10
N PHE A 1637 30.37 -8.97 21.04
CA PHE A 1637 29.26 -9.61 20.35
C PHE A 1637 29.68 -10.94 19.75
N ASP A 1638 30.85 -10.98 19.13
CA ASP A 1638 31.38 -12.25 18.61
C ASP A 1638 31.46 -13.29 19.71
N PHE A 1639 32.06 -12.91 20.85
CA PHE A 1639 32.19 -13.83 21.97
C PHE A 1639 30.83 -14.35 22.45
N VAL A 1640 29.85 -13.45 22.53
CA VAL A 1640 28.52 -13.84 22.98
C VAL A 1640 27.89 -14.83 22.01
N VAL A 1641 28.01 -14.58 20.71
CA VAL A 1641 27.43 -15.50 19.73
C VAL A 1641 28.14 -16.85 19.78
N VAL A 1642 29.45 -16.85 20.03
CA VAL A 1642 30.16 -18.11 20.20
C VAL A 1642 29.60 -18.89 21.38
N ILE A 1643 29.37 -18.21 22.50
CA ILE A 1643 28.86 -18.88 23.69
C ILE A 1643 27.47 -19.46 23.42
N LEU A 1644 26.57 -18.66 22.85
CA LEU A 1644 25.24 -19.16 22.55
C LEU A 1644 25.27 -20.31 21.55
N SER A 1645 26.20 -20.27 20.59
CA SER A 1645 26.33 -21.35 19.63
C SER A 1645 26.81 -22.63 20.31
N ILE A 1646 27.77 -22.52 21.23
CA ILE A 1646 28.22 -23.69 21.98
C ILE A 1646 27.05 -24.29 22.76
N VAL A 1647 26.27 -23.44 23.42
CA VAL A 1647 25.14 -23.93 24.21
C VAL A 1647 24.12 -24.62 23.31
N GLY A 1648 23.87 -24.04 22.13
CA GLY A 1648 22.94 -24.66 21.20
C GLY A 1648 23.42 -26.01 20.72
N THR A 1649 24.71 -26.10 20.36
CA THR A 1649 25.27 -27.38 19.93
C THR A 1649 25.16 -28.42 21.03
N VAL A 1650 25.40 -28.01 22.29
CA VAL A 1650 25.26 -28.93 23.40
C VAL A 1650 23.82 -29.43 23.52
N LEU A 1651 22.87 -28.49 23.59
CA LEU A 1651 21.48 -28.85 23.85
C LEU A 1651 20.79 -29.50 22.66
N SER A 1652 21.45 -29.49 21.48
CA SER A 1652 20.86 -29.99 20.23
C SER A 1652 20.02 -31.26 20.40
N ASP A 1653 20.55 -32.28 21.07
CA ASP A 1653 19.86 -33.55 21.22
C ASP A 1653 19.51 -33.91 22.66
N ILE A 1654 19.85 -33.06 23.62
CA ILE A 1654 19.78 -33.44 25.03
C ILE A 1654 18.33 -33.64 25.49
N ILE A 1655 17.37 -33.01 24.82
CA ILE A 1655 16.02 -32.87 25.36
C ILE A 1655 15.42 -34.22 25.75
N GLN A 1656 15.09 -35.05 24.75
CA GLN A 1656 14.85 -36.47 24.91
C GLN A 1656 13.79 -36.84 25.95
N LYS A 1657 13.25 -35.85 26.67
CA LYS A 1657 12.37 -36.16 27.80
C LYS A 1657 11.23 -35.16 27.99
N TYR A 1658 11.09 -34.16 27.12
CA TYR A 1658 10.17 -33.07 27.36
C TYR A 1658 8.94 -33.21 26.46
N PHE A 1659 8.07 -32.21 26.53
CA PHE A 1659 6.84 -32.21 25.75
C PHE A 1659 7.18 -31.94 24.28
N PHE A 1660 6.14 -31.78 23.45
CA PHE A 1660 6.35 -31.52 22.04
C PHE A 1660 7.18 -30.25 21.85
N SER A 1661 8.31 -30.39 21.16
CA SER A 1661 9.23 -29.26 21.08
C SER A 1661 9.50 -28.78 19.65
N PRO A 1662 8.48 -28.49 18.82
CA PRO A 1662 8.73 -27.64 17.66
C PRO A 1662 8.75 -26.18 18.07
N THR A 1663 8.20 -25.91 19.25
CA THR A 1663 8.21 -24.58 19.84
C THR A 1663 9.36 -24.38 20.82
N LEU A 1664 10.21 -25.40 21.01
CA LEU A 1664 11.39 -25.28 21.85
C LEU A 1664 12.68 -25.55 21.09
N PHE A 1665 12.73 -26.65 20.33
CA PHE A 1665 13.94 -26.95 19.58
C PHE A 1665 14.17 -25.93 18.46
N ARG A 1666 13.10 -25.50 17.79
CA ARG A 1666 13.27 -24.51 16.74
C ARG A 1666 13.74 -23.18 17.29
N VAL A 1667 13.30 -22.80 18.49
CA VAL A 1667 13.71 -21.50 19.05
C VAL A 1667 15.04 -21.57 19.78
N ILE A 1668 15.53 -22.76 20.11
CA ILE A 1668 16.93 -22.89 20.51
C ILE A 1668 17.84 -23.06 19.29
N ARG A 1669 17.28 -23.42 18.14
CA ARG A 1669 18.05 -23.53 16.90
C ARG A 1669 18.20 -22.18 16.23
N LEU A 1670 17.18 -21.32 16.31
CA LEU A 1670 17.23 -20.00 15.68
C LEU A 1670 18.42 -19.17 16.14
N ALA A 1671 18.99 -19.47 17.32
CA ALA A 1671 20.07 -18.66 17.86
C ALA A 1671 21.33 -18.66 17.01
N ARG A 1672 21.41 -19.53 16.00
CA ARG A 1672 22.59 -19.57 15.16
C ARG A 1672 22.60 -18.47 14.09
N ILE A 1673 21.51 -17.70 13.97
CA ILE A 1673 21.49 -16.57 13.05
C ILE A 1673 22.27 -15.38 13.60
N GLY A 1674 22.76 -15.48 14.83
CA GLY A 1674 23.71 -14.50 15.31
C GLY A 1674 24.96 -14.45 14.47
N ARG A 1675 25.43 -15.61 14.00
CA ARG A 1675 26.55 -15.60 13.07
C ARG A 1675 26.21 -14.83 11.80
N ILE A 1676 24.98 -14.97 11.31
CA ILE A 1676 24.59 -14.24 10.10
C ILE A 1676 24.58 -12.74 10.37
N LEU A 1677 24.01 -12.34 11.50
CA LEU A 1677 24.05 -10.94 11.90
C LEU A 1677 25.46 -10.44 12.15
N ARG A 1678 26.42 -11.33 12.35
CA ARG A 1678 27.82 -10.98 12.49
C ARG A 1678 28.46 -10.53 11.19
N LEU A 1679 27.72 -10.54 10.08
CA LEU A 1679 28.26 -10.06 8.81
C LEU A 1679 28.51 -8.56 8.82
N ILE A 1680 27.54 -7.79 9.32
CA ILE A 1680 27.52 -6.34 9.11
C ILE A 1680 28.72 -5.63 9.71
N ARG A 1681 29.57 -6.31 10.48
CA ARG A 1681 30.75 -5.67 11.00
C ARG A 1681 31.77 -5.51 9.89
N GLY A 1682 31.71 -4.39 9.17
CA GLY A 1682 32.62 -4.14 8.07
C GLY A 1682 31.95 -3.48 6.89
N ALA A 1683 30.63 -3.57 6.83
CA ALA A 1683 29.84 -2.99 5.75
C ALA A 1683 29.34 -1.62 6.21
N LYS A 1684 30.19 -0.61 6.01
CA LYS A 1684 29.85 0.75 6.47
C LYS A 1684 28.53 1.23 5.86
N GLY A 1685 28.33 0.95 4.58
CA GLY A 1685 27.08 1.29 3.92
C GLY A 1685 25.85 0.60 4.51
N ILE A 1686 26.05 -0.31 5.45
CA ILE A 1686 24.96 -0.93 6.17
C ILE A 1686 25.00 -0.64 7.67
N ARG A 1687 26.20 -0.45 8.24
CA ARG A 1687 26.28 0.04 9.61
C ARG A 1687 25.61 1.40 9.72
N THR A 1688 25.81 2.27 8.73
CA THR A 1688 25.16 3.58 8.77
C THR A 1688 23.65 3.45 8.60
N LEU A 1689 23.20 2.58 7.69
CA LEU A 1689 21.78 2.43 7.44
C LEU A 1689 21.06 1.73 8.59
N LEU A 1690 21.79 1.05 9.46
CA LEU A 1690 21.18 0.51 10.68
C LEU A 1690 21.28 1.49 11.85
N PHE A 1691 22.33 2.32 11.88
CA PHE A 1691 22.36 3.42 12.83
C PHE A 1691 21.22 4.39 12.57
N ALA A 1692 20.81 4.53 11.31
CA ALA A 1692 19.70 5.41 10.98
C ALA A 1692 18.38 4.94 11.58
N LEU A 1693 18.30 3.70 12.05
CA LEU A 1693 17.13 3.22 12.78
C LEU A 1693 17.37 3.10 14.27
N MET A 1694 18.58 2.71 14.68
CA MET A 1694 18.92 2.72 16.10
C MET A 1694 18.75 4.11 16.69
N MET A 1695 19.20 5.13 15.97
CA MET A 1695 19.10 6.52 16.40
C MET A 1695 17.69 7.07 16.25
N SER A 1696 16.81 6.39 15.52
CA SER A 1696 15.45 6.86 15.28
C SER A 1696 14.40 6.10 16.07
N LEU A 1697 14.77 5.03 16.76
CA LEU A 1697 13.80 4.21 17.49
C LEU A 1697 12.90 4.96 18.48
N PRO A 1698 13.35 5.97 19.23
CA PRO A 1698 12.44 6.61 20.19
C PRO A 1698 11.18 7.22 19.58
N ALA A 1699 11.32 7.96 18.47
CA ALA A 1699 10.14 8.52 17.82
C ALA A 1699 9.22 7.42 17.30
N LEU A 1700 9.81 6.37 16.71
CA LEU A 1700 9.03 5.20 16.34
C LEU A 1700 8.28 4.63 17.52
N PHE A 1701 8.89 4.67 18.71
CA PHE A 1701 8.25 4.11 19.90
C PHE A 1701 7.05 4.95 20.34
N ASN A 1702 7.20 6.27 20.36
CA ASN A 1702 6.08 7.13 20.71
C ASN A 1702 4.94 6.96 19.70
N ILE A 1703 5.27 6.94 18.41
CA ILE A 1703 4.26 6.73 17.39
C ILE A 1703 3.60 5.37 17.56
N GLY A 1704 4.37 4.36 17.97
CA GLY A 1704 3.80 3.05 18.20
C GLY A 1704 2.86 3.01 19.39
N LEU A 1705 3.22 3.74 20.46
CA LEU A 1705 2.29 3.88 21.58
C LEU A 1705 0.97 4.46 21.12
N LEU A 1706 1.01 5.57 20.39
CA LEU A 1706 -0.23 6.18 19.93
C LEU A 1706 -1.00 5.23 19.01
N LEU A 1707 -0.29 4.52 18.13
CA LEU A 1707 -0.95 3.60 17.22
C LEU A 1707 -1.61 2.45 17.98
N PHE A 1708 -0.95 1.96 19.03
CA PHE A 1708 -1.54 0.90 19.84
C PHE A 1708 -2.76 1.41 20.59
N LEU A 1709 -2.71 2.66 21.05
CA LEU A 1709 -3.89 3.24 21.70
C LEU A 1709 -5.07 3.30 20.74
N VAL A 1710 -4.81 3.72 19.49
CA VAL A 1710 -5.87 3.78 18.49
C VAL A 1710 -6.38 2.38 18.18
N MET A 1711 -5.48 1.41 18.05
CA MET A 1711 -5.88 0.02 17.88
C MET A 1711 -6.79 -0.43 19.01
N PHE A 1712 -6.42 -0.07 20.25
CA PHE A 1712 -7.20 -0.47 21.41
C PHE A 1712 -8.62 0.09 21.34
N ILE A 1713 -8.73 1.40 21.10
CA ILE A 1713 -10.04 2.03 21.06
C ILE A 1713 -10.89 1.45 19.94
N TYR A 1714 -10.31 1.28 18.76
CA TYR A 1714 -11.10 0.77 17.65
C TYR A 1714 -11.46 -0.70 17.85
N SER A 1715 -10.59 -1.48 18.49
CA SER A 1715 -10.93 -2.86 18.78
C SER A 1715 -12.07 -2.96 19.76
N ILE A 1716 -12.12 -2.07 20.75
CA ILE A 1716 -13.24 -2.09 21.67
C ILE A 1716 -14.52 -1.66 20.97
N PHE A 1717 -14.44 -0.66 20.11
CA PHE A 1717 -15.62 -0.26 19.33
C PHE A 1717 -16.12 -1.41 18.46
N GLY A 1718 -15.20 -2.14 17.82
CA GLY A 1718 -15.61 -3.28 17.02
C GLY A 1718 -16.23 -4.37 17.85
N MET A 1719 -15.56 -4.75 18.95
CA MET A 1719 -16.10 -5.77 19.84
C MET A 1719 -17.48 -5.42 20.33
N ALA A 1720 -17.75 -4.13 20.55
CA ALA A 1720 -19.09 -3.71 20.95
C ALA A 1720 -20.08 -3.84 19.80
N ASN A 1721 -19.70 -3.35 18.62
CA ASN A 1721 -20.61 -3.29 17.49
C ASN A 1721 -20.51 -4.48 16.54
N PHE A 1722 -19.30 -4.88 16.18
CA PHE A 1722 -19.09 -5.75 15.03
C PHE A 1722 -19.04 -7.23 15.37
N ALA A 1723 -19.25 -7.61 16.61
CA ALA A 1723 -19.49 -9.01 16.91
C ALA A 1723 -20.81 -9.46 16.30
N TYR A 1724 -20.98 -10.77 16.19
CA TYR A 1724 -22.23 -11.36 15.72
C TYR A 1724 -22.54 -11.00 14.27
N VAL A 1725 -21.50 -10.70 13.50
CA VAL A 1725 -21.67 -10.45 12.08
C VAL A 1725 -21.62 -11.78 11.34
N LYS A 1726 -22.18 -11.81 10.14
CA LYS A 1726 -22.16 -13.03 9.34
C LYS A 1726 -20.74 -13.35 8.91
N TRP A 1727 -20.34 -14.61 9.07
CA TRP A 1727 -19.00 -15.05 8.72
C TRP A 1727 -18.90 -15.19 7.20
N GLU A 1728 -18.13 -14.30 6.57
CA GLU A 1728 -17.93 -14.35 5.14
C GLU A 1728 -16.61 -13.64 4.83
N ALA A 1729 -16.43 -13.25 3.57
CA ALA A 1729 -15.13 -13.09 2.91
C ALA A 1729 -13.99 -12.61 3.82
N GLY A 1730 -14.18 -11.52 4.55
CA GLY A 1730 -13.08 -11.02 5.33
C GLY A 1730 -13.10 -11.45 6.78
N ILE A 1731 -14.21 -12.01 7.23
CA ILE A 1731 -14.44 -12.32 8.62
C ILE A 1731 -14.69 -13.82 8.72
N ASP A 1732 -13.64 -14.56 9.07
CA ASP A 1732 -13.70 -16.00 9.27
C ASP A 1732 -13.77 -16.31 10.76
N ASP A 1733 -13.68 -17.60 11.11
CA ASP A 1733 -13.77 -18.02 12.49
C ASP A 1733 -12.50 -17.79 13.29
N MET A 1734 -11.46 -17.21 12.68
CA MET A 1734 -10.24 -16.89 13.38
C MET A 1734 -9.86 -15.42 13.30
N PHE A 1735 -10.41 -14.66 12.36
CA PHE A 1735 -10.17 -13.22 12.26
C PHE A 1735 -11.55 -12.57 12.23
N ASN A 1736 -12.00 -12.10 13.39
CA ASN A 1736 -13.33 -11.53 13.54
C ASN A 1736 -13.35 -10.69 14.81
N PHE A 1737 -14.42 -9.94 14.97
CA PHE A 1737 -14.56 -9.07 16.13
C PHE A 1737 -15.35 -9.73 17.26
N GLN A 1738 -14.91 -10.92 17.67
CA GLN A 1738 -15.61 -11.69 18.68
C GLN A 1738 -14.85 -11.78 20.00
N THR A 1739 -13.64 -11.22 20.07
CA THR A 1739 -12.89 -11.14 21.31
C THR A 1739 -11.74 -10.17 21.09
N PHE A 1740 -10.90 -10.00 22.10
CA PHE A 1740 -9.86 -8.98 22.02
C PHE A 1740 -8.74 -9.38 21.08
N ALA A 1741 -8.28 -10.64 21.15
CA ALA A 1741 -7.21 -11.07 20.26
C ALA A 1741 -7.69 -11.14 18.82
N ASN A 1742 -8.86 -11.73 18.59
CA ASN A 1742 -9.41 -11.82 17.25
C ASN A 1742 -9.61 -10.44 16.63
N SER A 1743 -9.84 -9.42 17.45
CA SER A 1743 -10.04 -8.07 16.93
C SER A 1743 -8.73 -7.34 16.72
N MET A 1744 -7.79 -7.49 17.65
CA MET A 1744 -6.48 -6.86 17.47
C MET A 1744 -5.76 -7.42 16.26
N LEU A 1745 -5.97 -8.70 15.94
CA LEU A 1745 -5.39 -9.26 14.72
C LEU A 1745 -5.93 -8.57 13.48
N CYS A 1746 -7.26 -8.47 13.36
CA CYS A 1746 -7.85 -7.82 12.20
C CYS A 1746 -7.42 -6.36 12.11
N LEU A 1747 -7.31 -5.67 13.25
CA LEU A 1747 -6.92 -4.26 13.18
C LEU A 1747 -5.45 -4.09 12.84
N PHE A 1748 -4.58 -5.00 13.28
CA PHE A 1748 -3.20 -4.97 12.83
C PHE A 1748 -3.12 -5.20 11.33
N GLN A 1749 -3.96 -6.10 10.81
CA GLN A 1749 -4.00 -6.31 9.36
C GLN A 1749 -4.47 -5.08 8.62
N ILE A 1750 -5.48 -4.39 9.15
CA ILE A 1750 -6.06 -3.23 8.47
C ILE A 1750 -5.19 -1.98 8.61
N THR A 1751 -4.32 -1.93 9.62
CA THR A 1751 -3.45 -0.77 9.82
C THR A 1751 -2.68 -0.43 8.55
N THR A 1752 -2.24 -1.45 7.81
CA THR A 1752 -1.58 -1.23 6.52
C THR A 1752 -2.58 -1.16 5.37
N SER A 1753 -3.84 -0.84 5.66
CA SER A 1753 -4.92 -0.74 4.67
C SER A 1753 -5.12 -2.04 3.89
N ALA A 1754 -4.62 -3.14 4.41
CA ALA A 1754 -4.68 -4.42 3.69
C ALA A 1754 -6.04 -5.08 3.92
N GLY A 1755 -6.68 -5.50 2.85
CA GLY A 1755 -7.88 -6.31 2.93
C GLY A 1755 -9.02 -5.72 3.70
N TRP A 1756 -9.00 -4.41 3.98
CA TRP A 1756 -10.10 -3.80 4.71
C TRP A 1756 -11.38 -3.80 3.89
N ASP A 1757 -11.29 -3.87 2.57
CA ASP A 1757 -12.48 -4.01 1.75
C ASP A 1757 -13.18 -5.33 2.01
N GLY A 1758 -12.43 -6.37 2.39
CA GLY A 1758 -13.05 -7.64 2.72
C GLY A 1758 -13.61 -7.66 4.13
N LEU A 1759 -13.03 -6.88 5.05
CA LEU A 1759 -13.59 -6.76 6.38
C LEU A 1759 -14.89 -5.96 6.35
N LEU A 1760 -14.94 -4.91 5.54
CA LEU A 1760 -16.14 -4.06 5.47
C LEU A 1760 -17.28 -4.73 4.74
N SER A 1761 -17.00 -5.69 3.85
CA SER A 1761 -18.05 -6.29 3.03
C SER A 1761 -19.13 -6.99 3.83
N PRO A 1762 -18.83 -7.80 4.86
CA PRO A 1762 -19.91 -8.44 5.61
C PRO A 1762 -20.70 -7.48 6.48
N ILE A 1763 -20.17 -6.29 6.76
CA ILE A 1763 -20.85 -5.35 7.64
C ILE A 1763 -21.97 -4.63 6.90
N LEU A 1764 -21.79 -4.40 5.59
CA LEU A 1764 -22.80 -3.71 4.80
C LEU A 1764 -23.99 -4.59 4.46
N ASN A 1765 -24.13 -5.74 5.10
CA ASN A 1765 -25.29 -6.58 4.86
C ASN A 1765 -26.54 -5.98 5.51
N THR A 1766 -27.68 -6.54 5.14
CA THR A 1766 -28.98 -6.14 5.67
C THR A 1766 -29.90 -7.36 5.52
N GLY A 1767 -31.21 -7.15 5.59
CA GLY A 1767 -32.17 -8.24 5.54
C GLY A 1767 -31.98 -9.17 4.36
N PRO A 1768 -32.63 -10.34 4.42
CA PRO A 1768 -32.32 -11.43 3.50
C PRO A 1768 -32.47 -11.00 2.05
N PRO A 1769 -31.58 -11.46 1.16
CA PRO A 1769 -30.48 -12.38 1.46
C PRO A 1769 -29.24 -11.72 2.05
N TYR A 1770 -28.10 -12.40 1.95
CA TYR A 1770 -26.81 -11.92 2.46
C TYR A 1770 -26.76 -11.91 3.98
N CYS A 1771 -27.89 -12.22 4.61
CA CYS A 1771 -28.04 -12.18 6.07
C CYS A 1771 -29.41 -12.70 6.47
N ASP A 1772 -29.67 -12.69 7.77
CA ASP A 1772 -31.00 -12.94 8.29
C ASP A 1772 -31.11 -12.27 9.65
N PRO A 1773 -32.04 -11.34 9.83
CA PRO A 1773 -32.22 -10.75 11.16
C PRO A 1773 -32.93 -11.71 12.11
N THR A 1774 -33.24 -11.23 13.32
CA THR A 1774 -33.96 -12.00 14.34
C THR A 1774 -33.21 -13.28 14.73
N LEU A 1775 -31.89 -13.24 14.74
CA LEU A 1775 -31.12 -14.36 15.28
C LEU A 1775 -31.06 -14.27 16.80
N PRO A 1776 -31.04 -15.41 17.50
CA PRO A 1776 -31.07 -15.40 18.97
C PRO A 1776 -29.72 -15.23 19.64
N ASN A 1777 -28.71 -14.67 18.97
CA ASN A 1777 -27.42 -14.45 19.60
C ASN A 1777 -27.58 -13.76 20.95
N SER A 1778 -26.67 -14.10 21.87
CA SER A 1778 -26.95 -13.94 23.30
C SER A 1778 -27.05 -12.48 23.74
N ASN A 1779 -25.97 -11.72 23.61
CA ASN A 1779 -25.92 -10.40 24.21
C ASN A 1779 -26.74 -9.40 23.38
N GLY A 1780 -26.31 -9.13 22.16
CA GLY A 1780 -27.09 -8.30 21.26
C GLY A 1780 -27.91 -9.16 20.33
N SER A 1781 -29.18 -9.36 20.67
CA SER A 1781 -30.05 -10.27 19.93
C SER A 1781 -30.49 -9.64 18.62
N ARG A 1782 -31.11 -10.45 17.77
CA ARG A 1782 -31.67 -10.02 16.49
C ARG A 1782 -30.60 -9.34 15.63
N GLY A 1783 -29.58 -10.14 15.29
CA GLY A 1783 -28.40 -9.64 14.61
C GLY A 1783 -28.06 -10.37 13.33
N ASP A 1784 -26.87 -10.98 13.30
CA ASP A 1784 -26.27 -11.76 12.23
C ASP A 1784 -25.68 -10.87 11.13
N CYS A 1785 -25.88 -9.56 11.16
CA CYS A 1785 -25.24 -8.68 10.19
C CYS A 1785 -25.30 -7.24 10.69
N GLY A 1786 -24.15 -6.61 10.79
CA GLY A 1786 -24.04 -5.24 11.26
C GLY A 1786 -24.74 -4.25 10.34
N SER A 1787 -24.59 -2.97 10.69
CA SER A 1787 -25.25 -1.89 9.96
C SER A 1787 -24.22 -1.10 9.17
N PRO A 1788 -24.53 -0.74 7.92
CA PRO A 1788 -23.52 -0.05 7.09
C PRO A 1788 -23.08 1.29 7.64
N ALA A 1789 -24.01 2.07 8.21
CA ALA A 1789 -23.71 3.45 8.57
C ALA A 1789 -22.52 3.55 9.52
N VAL A 1790 -22.48 2.70 10.54
CA VAL A 1790 -21.37 2.77 11.49
C VAL A 1790 -20.15 2.03 10.96
N GLY A 1791 -20.34 0.99 10.15
CA GLY A 1791 -19.20 0.25 9.62
C GLY A 1791 -18.35 1.09 8.69
N ILE A 1792 -19.00 1.78 7.75
CA ILE A 1792 -18.29 2.66 6.82
C ILE A 1792 -17.54 3.73 7.58
N LEU A 1793 -18.21 4.34 8.56
CA LEU A 1793 -17.56 5.37 9.38
C LEU A 1793 -16.32 4.82 10.06
N PHE A 1794 -16.48 3.71 10.78
CA PHE A 1794 -15.38 3.03 11.47
C PHE A 1794 -14.20 2.82 10.54
N PHE A 1795 -14.43 2.13 9.43
CA PHE A 1795 -13.31 1.71 8.60
C PHE A 1795 -12.68 2.88 7.86
N THR A 1796 -13.48 3.81 7.34
CA THR A 1796 -12.92 4.96 6.66
C THR A 1796 -12.08 5.81 7.61
N THR A 1797 -12.62 6.15 8.78
CA THR A 1797 -11.84 6.99 9.68
C THR A 1797 -10.60 6.26 10.18
N TYR A 1798 -10.67 4.93 10.32
CA TYR A 1798 -9.47 4.20 10.71
C TYR A 1798 -8.42 4.24 9.62
N ILE A 1799 -8.85 4.11 8.36
CA ILE A 1799 -7.91 4.19 7.24
C ILE A 1799 -7.22 5.55 7.23
N ILE A 1800 -8.00 6.62 7.38
CA ILE A 1800 -7.42 7.96 7.38
C ILE A 1800 -6.43 8.12 8.53
N ILE A 1801 -6.80 7.68 9.74
CA ILE A 1801 -5.93 7.88 10.89
C ILE A 1801 -4.63 7.09 10.72
N SER A 1802 -4.75 5.81 10.33
CA SER A 1802 -3.57 5.01 10.07
C SER A 1802 -2.69 5.62 9.01
N PHE A 1803 -3.30 6.20 7.96
CA PHE A 1803 -2.54 6.85 6.92
C PHE A 1803 -1.76 8.02 7.47
N LEU A 1804 -2.40 8.85 8.29
CA LEU A 1804 -1.70 9.99 8.88
C LEU A 1804 -0.54 9.54 9.74
N ILE A 1805 -0.73 8.46 10.51
CA ILE A 1805 0.32 8.04 11.43
C ILE A 1805 1.48 7.38 10.66
N VAL A 1806 1.19 6.64 9.60
CA VAL A 1806 2.30 6.11 8.82
C VAL A 1806 2.99 7.21 8.02
N VAL A 1807 2.28 8.27 7.65
CA VAL A 1807 2.93 9.44 7.08
C VAL A 1807 3.90 10.03 8.09
N ASN A 1808 3.47 10.13 9.35
CA ASN A 1808 4.35 10.57 10.42
C ASN A 1808 5.59 9.69 10.51
N MET A 1809 5.40 8.38 10.39
CA MET A 1809 6.54 7.46 10.39
C MET A 1809 7.49 7.77 9.24
N TYR A 1810 6.95 7.99 8.04
CA TYR A 1810 7.78 8.33 6.89
C TYR A 1810 8.59 9.59 7.16
N ILE A 1811 7.95 10.60 7.76
CA ILE A 1811 8.64 11.84 8.05
C ILE A 1811 9.78 11.60 9.02
N ALA A 1812 9.53 10.82 10.07
CA ALA A 1812 10.58 10.51 11.04
C ALA A 1812 11.76 9.81 10.37
N ILE A 1813 11.46 8.81 9.54
CA ILE A 1813 12.51 8.05 8.88
C ILE A 1813 13.33 8.95 7.98
N ILE A 1814 12.67 9.78 7.17
CA ILE A 1814 13.38 10.64 6.24
C ILE A 1814 14.24 11.65 6.98
N LEU A 1815 13.69 12.27 8.02
CA LEU A 1815 14.46 13.23 8.80
C LEU A 1815 15.69 12.58 9.40
N GLU A 1816 15.55 11.39 9.97
CA GLU A 1816 16.68 10.76 10.63
C GLU A 1816 17.73 10.30 9.63
N ASN A 1817 17.28 9.80 8.47
CA ASN A 1817 18.23 9.44 7.42
C ASN A 1817 19.02 10.66 6.95
N PHE A 1818 18.34 11.78 6.75
CA PHE A 1818 19.07 12.99 6.36
C PHE A 1818 19.99 13.48 7.46
N SER A 1819 19.63 13.24 8.71
CA SER A 1819 20.48 13.66 9.82
C SER A 1819 21.71 12.79 9.96
N VAL A 1820 21.62 11.50 9.63
CA VAL A 1820 22.76 10.61 9.78
C VAL A 1820 23.66 10.63 8.56
N ALA A 1821 23.09 10.60 7.35
CA ALA A 1821 23.90 10.51 6.15
C ALA A 1821 24.68 11.80 5.91
N THR A 1822 23.97 12.94 5.83
CA THR A 1822 24.61 14.20 5.52
C THR A 1822 25.59 14.64 6.61
N GLU A 1823 25.48 14.09 7.82
CA GLU A 1823 26.38 14.50 8.88
C GLU A 1823 27.82 14.08 8.62
N GLU A 1824 28.01 12.98 7.88
CA GLU A 1824 29.35 12.50 7.57
C GLU A 1824 29.83 13.03 6.23
C1 NAG B . -11.10 -38.49 13.19
C2 NAG B . -12.21 -38.64 14.22
C3 NAG B . -12.02 -37.63 15.35
C4 NAG B . -10.62 -37.76 15.94
C5 NAG B . -9.57 -37.64 14.83
C6 NAG B . -8.17 -37.86 15.33
C7 NAG B . -14.47 -39.40 13.66
C8 NAG B . -15.76 -39.06 12.97
N2 NAG B . -13.52 -38.48 13.60
O3 NAG B . -13.00 -37.86 16.35
O4 NAG B . -10.40 -36.72 16.89
O5 NAG B . -9.82 -38.63 13.82
O6 NAG B . -8.02 -37.42 16.67
O7 NAG B . -14.31 -40.47 14.25
C1 NAG C . -5.23 -56.89 11.59
C2 NAG C . -5.62 -55.83 12.62
C3 NAG C . -6.66 -56.38 13.58
C4 NAG C . -7.85 -56.94 12.80
C5 NAG C . -7.38 -57.95 11.76
C6 NAG C . -8.50 -58.46 10.88
C7 NAG C . -3.73 -54.30 12.97
C8 NAG C . -2.55 -53.96 13.84
N2 NAG C . -4.45 -55.37 13.35
O3 NAG C . -7.09 -55.36 14.46
O4 NAG C . -8.76 -57.58 13.69
O5 NAG C . -6.41 -57.34 10.89
O6 NAG C . -9.19 -59.54 11.49
O7 NAG C . -4.01 -53.63 11.99
C1 NAG D . 0.73 -58.16 -0.60
C2 NAG D . -0.53 -58.82 -0.02
C3 NAG D . -0.55 -60.32 -0.35
C4 NAG D . -0.36 -60.55 -1.84
C5 NAG D . 0.93 -59.89 -2.28
C6 NAG D . 1.18 -60.02 -3.77
C7 NAG D . -1.73 -58.82 2.12
C8 NAG D . -1.63 -58.59 3.60
N2 NAG D . -0.61 -58.64 1.42
O3 NAG D . -1.79 -60.88 0.06
O4 NAG D . -0.31 -61.94 -2.12
O5 NAG D . 0.88 -58.50 -1.99
O6 NAG D . -0.03 -60.25 -4.48
O7 NAG D . -2.80 -59.15 1.60
C1 NAG E . -18.25 -23.42 7.50
C2 NAG E . -18.17 -23.05 8.98
C3 NAG E . -18.91 -24.09 9.82
C4 NAG E . -20.33 -24.27 9.31
C5 NAG E . -20.31 -24.59 7.82
C6 NAG E . -21.70 -24.68 7.22
C7 NAG E . -16.07 -21.82 9.27
C8 NAG E . -14.65 -21.89 9.76
N2 NAG E . -16.78 -22.94 9.41
O3 NAG E . -18.93 -23.65 11.18
O4 NAG E . -20.97 -25.33 10.02
O5 NAG E . -19.63 -23.55 7.11
O6 NAG E . -22.48 -25.67 7.87
O7 NAG E . -16.53 -20.80 8.79
C1 NAG F . -1.08 -33.75 14.78
C2 NAG F . -0.03 -34.35 13.87
C3 NAG F . -0.16 -35.87 13.88
C4 NAG F . -0.04 -36.37 15.30
C5 NAG F . -1.00 -35.64 16.24
C6 NAG F . -0.77 -35.98 17.70
C7 NAG F . 0.51 -32.73 12.10
C8 NAG F . 0.28 -32.33 10.69
N2 NAG F . -0.15 -33.83 12.52
O3 NAG F . 0.87 -36.43 13.06
O4 NAG F . -0.33 -37.77 15.33
O5 NAG F . -0.86 -34.22 16.11
O6 NAG F . 0.54 -35.59 18.11
O7 NAG F . 1.24 -32.10 12.86
C1 NAG G . -30.87 -22.54 -9.97
C2 NAG G . -31.89 -22.85 -11.07
C3 NAG G . -32.48 -24.25 -10.87
C4 NAG G . -31.37 -25.29 -10.76
C5 NAG G . -30.40 -24.88 -9.65
C6 NAG G . -29.21 -25.81 -9.55
C7 NAG G . -32.82 -20.65 -11.62
C8 NAG G . -34.02 -19.76 -11.56
N2 NAG G . -32.95 -21.86 -11.09
O3 NAG G . -33.33 -24.56 -11.96
O4 NAG G . -31.93 -26.56 -10.46
O5 NAG G . -29.88 -23.58 -9.93
O6 NAG G . -28.00 -25.12 -9.87
O7 NAG G . -31.76 -20.28 -12.13
C1 NAG H . -24.41 -18.38 -22.17
C2 NAG H . -22.90 -18.49 -22.29
C3 NAG H . -22.47 -18.39 -23.75
C4 NAG H . -23.25 -19.39 -24.59
C5 NAG H . -24.75 -19.25 -24.35
C6 NAG H . -25.57 -20.30 -25.07
C7 NAG H . -20.99 -17.54 -21.06
C8 NAG H . -20.48 -16.38 -20.26
N2 NAG H . -22.24 -17.45 -21.50
O3 NAG H . -21.08 -18.64 -23.87
O4 NAG H . -22.98 -19.17 -25.98
O5 NAG H . -25.03 -19.40 -22.95
O6 NAG H . -26.83 -19.79 -25.48
O7 NAG H . -20.29 -18.53 -21.29
C1 NAG I . -35.32 -6.35 -21.46
C2 NAG I . -36.53 -5.54 -21.91
C3 NAG I . -37.62 -6.46 -22.45
C4 NAG I . -37.05 -7.37 -23.53
C5 NAG I . -35.83 -8.11 -23.01
C6 NAG I . -35.15 -8.95 -24.06
C7 NAG I . -36.51 -3.55 -20.47
C8 NAG I . -37.19 -2.84 -19.34
N2 NAG I . -37.05 -4.71 -20.82
O3 NAG I . -38.69 -5.68 -22.97
O4 NAG I . -38.04 -8.31 -23.96
O5 NAG I . -34.86 -7.18 -22.53
O6 NAG I . -33.75 -9.04 -23.83
O7 NAG I . -35.52 -3.09 -21.03
C1 NAG J . -37.81 -13.71 -6.40
C2 NAG J . -37.50 -12.54 -5.50
C3 NAG J . -37.35 -13.00 -4.06
C4 NAG J . -38.60 -13.75 -3.62
C5 NAG J . -38.92 -14.86 -4.61
C6 NAG J . -40.24 -15.55 -4.32
C7 NAG J . -36.35 -10.59 -6.44
C8 NAG J . -35.03 -10.00 -6.85
N2 NAG J . -36.30 -11.83 -5.94
O3 NAG J . -37.13 -11.88 -3.22
O4 NAG J . -38.42 -14.30 -2.32
O5 NAG J . -39.02 -14.36 -5.95
O6 NAG J . -41.06 -14.75 -3.47
O7 NAG J . -37.40 -9.98 -6.56
#